data_3WSX
#
_entry.id   3WSX
#
_cell.length_a   126.371
_cell.length_b   126.371
_cell.length_c   290.282
_cell.angle_alpha   90.00
_cell.angle_beta   90.00
_cell.angle_gamma   120.00
#
_symmetry.space_group_name_H-M   'P 61 2 2'
#
loop_
_entity.id
_entity.type
_entity.pdbx_description
1 polymer 'Sortilin-related receptor'
2 non-polymer 2-acetamido-2-deoxy-beta-D-glucopyranose
3 non-polymer 'PHOSPHATE ION'
4 non-polymer 1,2-ETHANEDIOL
5 water water
#
_entity_poly.entity_id   1
_entity_poly.type   'polypeptide(L)'
_entity_poly.pdbx_seq_one_letter_code
;EVWTQRLHGGSAPLPQDRGFLVVQGDPRELRLWARGDARGASRADEKPLRRKRSAALQPEPIKVYGQVSLNDSHNQMVVH
WAGEKSNVIVALARDSLALARPKSSDVYVSYDYGKSFKKISDKLNFGLGNRSEAVIAQFYHSPADNKRYIFADAYAQYLW
ITFDFCNTLQGFSIPFRAADLLLHSKASNLLLGFDRSHPNKQLWKSDDFGQTWIMIQEHVKSFSWGIDPYDKPNTIYIER
HEPSGYSTVFRSTDFFQSRENQEVILEEVRDFQLRDKYMFATKVVHLLGSEQQSSVQLWVSFGRKPMRAAQFVTRHPINE
YYIADASEDQVFVCVSHSNNRTNLYISEAEGLKFSLSLENVLYYSPGGAGSDTLVRYFANEPFADFHRVEGLQGVYIATL
INGSMNEENMRSVITFDKGGTWEFLQAPAFTGYGEKINCELSQGCSLHLAQRLSQLLNLQLRRMPILSKESAPGLIIATG
SVGKNLASKTNVYISSSAGARWREALPGPHYYTWGDHGGIITAIAQGMETNELKYSTNEGETWKTFIFSEKPVFVYGLLT
EPGEKSTVFTIFGSNKENVHSWLILQVNATDALGVPCTENDYKLWSPSDERGNECLLGHKTVFKRRTPHATCFNGEDFDR
PVVVSNCSCTREDYECDFGFKMSEDLSLEVCVPDPEFSGKSYSPPVPCPVGSTYRRTRGYRKISGDTCSGGDVEARLEGE
LVPCPSRLENLYFQ
;
_entity_poly.pdbx_strand_id   A
#
loop_
_chem_comp.id
_chem_comp.type
_chem_comp.name
_chem_comp.formula
EDO non-polymer 1,2-ETHANEDIOL 'C2 H6 O2'
NAG D-saccharide, beta linking 2-acetamido-2-deoxy-beta-D-glucopyranose 'C8 H15 N O6'
PO4 non-polymer 'PHOSPHATE ION' 'O4 P -3'
#
# COMPACT_ATOMS: atom_id res chain seq x y z
N PRO A 61 13.15 -24.32 22.56
CA PRO A 61 13.11 -24.14 21.08
C PRO A 61 12.73 -22.69 20.70
N ILE A 62 11.73 -22.18 21.41
CA ILE A 62 11.25 -20.83 21.34
C ILE A 62 11.23 -20.34 22.79
N LYS A 63 11.67 -19.11 23.05
CA LYS A 63 11.52 -18.55 24.38
C LYS A 63 10.94 -17.14 24.42
N VAL A 64 10.15 -16.85 25.46
CA VAL A 64 9.68 -15.52 25.78
C VAL A 64 10.79 -14.88 26.59
N TYR A 65 11.52 -13.91 26.00
CA TYR A 65 12.65 -13.29 26.71
C TYR A 65 12.31 -11.95 27.28
N GLY A 66 11.17 -11.42 26.87
CA GLY A 66 10.72 -10.16 27.39
C GLY A 66 9.25 -10.27 27.67
N GLN A 67 8.86 -9.84 28.87
CA GLN A 67 7.45 -9.71 29.20
C GLN A 67 7.30 -8.63 30.21
N VAL A 68 6.37 -7.75 29.92
CA VAL A 68 6.26 -6.48 30.59
C VAL A 68 4.77 -6.21 30.63
N SER A 69 4.24 -5.97 31.81
CA SER A 69 2.87 -5.47 31.87
C SER A 69 3.00 -4.03 32.22
N LEU A 70 2.30 -3.21 31.47
CA LEU A 70 2.21 -1.80 31.74
C LEU A 70 0.93 -1.63 32.55
N ASN A 71 1.09 -1.03 33.72
CA ASN A 71 -0.03 -0.66 34.56
C ASN A 71 -0.69 0.52 33.83
N ASP A 72 -1.50 0.21 32.83
CA ASP A 72 -2.00 1.20 31.88
C ASP A 72 -3.32 0.70 31.32
N SER A 73 -4.31 1.57 31.27
CA SER A 73 -5.66 1.13 30.93
C SER A 73 -6.28 1.96 29.83
N HIS A 74 -5.45 2.52 28.94
CA HIS A 74 -5.95 3.19 27.73
C HIS A 74 -6.56 2.13 26.83
N ASN A 75 -7.46 2.53 25.94
CA ASN A 75 -8.07 1.55 25.03
C ASN A 75 -7.31 1.32 23.71
N GLN A 76 -6.36 2.18 23.37
CA GLN A 76 -5.50 1.92 22.21
C GLN A 76 -4.03 1.80 22.62
N MET A 77 -3.30 0.97 21.89
CA MET A 77 -1.88 0.84 22.15
C MET A 77 -1.25 0.59 20.79
N VAL A 78 -0.24 1.39 20.44
CA VAL A 78 0.58 1.09 19.28
C VAL A 78 2.03 0.87 19.70
N VAL A 79 2.70 -0.06 19.05
CA VAL A 79 4.07 -0.47 19.42
C VAL A 79 4.85 -0.48 18.15
N HIS A 80 5.99 0.21 18.11
CA HIS A 80 6.82 0.34 16.91
C HIS A 80 8.28 0.12 17.25
N TRP A 81 8.91 -0.84 16.61
CA TRP A 81 10.36 -1.03 16.74
C TRP A 81 10.96 0.14 16.00
N ALA A 82 12.03 0.70 16.52
CA ALA A 82 12.70 1.83 15.86
C ALA A 82 13.21 1.48 14.46
N GLY A 83 13.70 0.28 14.25
CA GLY A 83 14.19 -0.12 12.92
C GLY A 83 15.08 -1.33 13.01
N GLU A 84 15.61 -1.78 11.88
CA GLU A 84 16.29 -3.09 11.81
C GLU A 84 17.54 -3.28 12.70
N LYS A 85 18.42 -2.30 12.76
CA LYS A 85 19.67 -2.51 13.51
C LYS A 85 19.58 -1.97 14.92
N SER A 86 18.39 -2.01 15.51
CA SER A 86 18.11 -1.18 16.66
C SER A 86 17.47 -1.93 17.79
N ASN A 87 17.93 -1.65 18.99
CA ASN A 87 17.36 -2.22 20.21
C ASN A 87 16.13 -1.44 20.78
N VAL A 88 15.69 -0.39 20.08
CA VAL A 88 14.66 0.50 20.66
C VAL A 88 13.26 0.12 20.21
N ILE A 89 12.32 0.16 21.15
CA ILE A 89 10.92 0.02 20.83
C ILE A 89 10.19 1.18 21.55
N VAL A 90 9.29 1.85 20.83
CA VAL A 90 8.48 2.92 21.39
C VAL A 90 7.04 2.46 21.41
N ALA A 91 6.37 2.61 22.55
CA ALA A 91 4.97 2.29 22.67
C ALA A 91 4.13 3.53 23.13
N LEU A 92 2.99 3.71 22.47
CA LEU A 92 2.10 4.84 22.73
C LEU A 92 0.71 4.33 23.05
N ALA A 93 0.23 4.71 24.24
CA ALA A 93 -1.09 4.32 24.71
C ALA A 93 -1.99 5.55 24.64
N ARG A 94 -3.10 5.45 23.92
CA ARG A 94 -4.08 6.54 23.74
C ARG A 94 -5.53 6.05 23.99
N ASP A 95 -6.46 7.02 24.05
CA ASP A 95 -7.90 6.75 24.08
C ASP A 95 -8.53 6.75 22.70
N SER A 96 -9.64 6.05 22.55
CA SER A 96 -10.37 5.85 21.27
C SER A 96 -9.51 6.09 20.02
N PRO A 102 -9.67 13.03 22.58
CA PRO A 102 -8.72 12.24 23.36
C PRO A 102 -8.59 12.75 24.81
N LYS A 103 -8.59 11.85 25.77
CA LYS A 103 -8.66 12.25 27.19
C LYS A 103 -7.32 12.15 27.96
N SER A 104 -6.46 11.21 27.56
CA SER A 104 -5.10 11.13 28.11
C SER A 104 -4.18 10.26 27.22
N SER A 105 -2.94 10.09 27.64
CA SER A 105 -1.98 9.28 26.89
C SER A 105 -0.81 8.90 27.77
N ASP A 106 -0.04 7.91 27.31
CA ASP A 106 1.19 7.55 27.99
C ASP A 106 2.18 7.08 26.92
N VAL A 107 3.47 7.30 27.18
CA VAL A 107 4.52 6.89 26.29
C VAL A 107 5.54 6.05 27.05
N TYR A 108 5.97 4.97 26.40
CA TYR A 108 6.92 4.04 26.98
C TYR A 108 7.99 3.67 25.93
N VAL A 109 9.21 3.44 26.40
CA VAL A 109 10.32 3.20 25.53
C VAL A 109 11.21 2.11 26.11
N SER A 110 11.68 1.22 25.24
CA SER A 110 12.58 0.14 25.60
C SER A 110 13.89 0.37 24.90
N TYR A 111 14.98 0.18 25.62
CA TYR A 111 16.29 0.29 25.01
C TYR A 111 16.97 -1.09 25.03
N ASP A 112 16.21 -2.15 25.28
CA ASP A 112 16.76 -3.53 25.36
C ASP A 112 15.90 -4.58 24.61
N TYR A 113 15.49 -4.29 23.37
CA TYR A 113 14.67 -5.22 22.57
C TYR A 113 13.38 -5.67 23.24
N GLY A 114 12.85 -4.84 24.13
CA GLY A 114 11.56 -5.13 24.74
C GLY A 114 11.68 -5.94 26.03
N LYS A 115 12.90 -6.19 26.49
CA LYS A 115 13.08 -6.81 27.83
C LYS A 115 12.44 -5.96 28.90
N SER A 116 12.64 -4.64 28.82
CA SER A 116 12.03 -3.70 29.78
C SER A 116 11.58 -2.41 29.09
N PHE A 117 10.47 -1.83 29.56
CA PHE A 117 10.02 -0.54 29.08
C PHE A 117 10.06 0.47 30.23
N LYS A 118 10.40 1.71 29.93
CA LYS A 118 10.36 2.78 30.92
C LYS A 118 9.30 3.79 30.50
N LYS A 119 8.39 4.13 31.41
CA LYS A 119 7.45 5.23 31.24
C LYS A 119 8.17 6.57 31.12
N ILE A 120 7.88 7.33 30.07
CA ILE A 120 8.57 8.59 29.86
C ILE A 120 7.59 9.71 29.58
N SER A 121 6.32 9.51 29.91
CA SER A 121 5.30 10.56 29.75
C SER A 121 5.69 11.85 30.51
N ASP A 122 6.30 11.71 31.69
CA ASP A 122 6.70 12.90 32.49
C ASP A 122 7.73 13.75 31.76
N LYS A 123 8.43 13.19 30.77
CA LYS A 123 9.33 13.99 29.98
C LYS A 123 8.61 14.85 28.97
N LEU A 124 7.32 14.60 28.78
CA LEU A 124 6.52 15.34 27.84
C LEU A 124 5.65 16.33 28.62
N ASN A 125 6.24 17.46 29.00
CA ASN A 125 5.54 18.44 29.85
C ASN A 125 5.65 19.81 29.23
N PHE A 126 4.90 20.76 29.78
CA PHE A 126 4.87 22.10 29.22
C PHE A 126 5.87 23.07 29.86
N GLY A 127 6.81 22.52 30.64
CA GLY A 127 7.92 23.30 31.19
C GLY A 127 7.69 23.77 32.62
N LEU A 128 8.69 24.42 33.20
CA LEU A 128 8.63 24.93 34.58
C LEU A 128 7.41 25.80 34.83
N GLY A 129 6.68 25.48 35.90
CA GLY A 129 5.50 26.23 36.31
C GLY A 129 4.27 26.08 35.43
N ASN A 130 4.12 24.91 34.83
CA ASN A 130 2.93 24.55 34.05
C ASN A 130 2.75 23.06 34.22
N ARG A 131 1.77 22.69 35.03
CA ARG A 131 1.56 21.29 35.43
C ARG A 131 0.50 20.53 34.64
N SER A 132 -0.22 21.21 33.75
CA SER A 132 -1.31 20.62 32.96
C SER A 132 -0.80 19.53 32.01
N GLU A 133 -1.37 18.34 32.12
CA GLU A 133 -0.81 17.12 31.52
C GLU A 133 -0.83 17.12 29.99
N ALA A 134 0.19 16.52 29.38
CA ALA A 134 0.28 16.47 27.93
C ALA A 134 -0.65 15.38 27.43
N VAL A 135 -1.24 15.61 26.25
CA VAL A 135 -2.09 14.60 25.63
C VAL A 135 -1.61 14.40 24.19
N ILE A 136 -0.95 13.28 23.94
CA ILE A 136 -0.37 13.01 22.62
C ILE A 136 -1.41 12.43 21.69
N ALA A 137 -1.58 13.10 20.56
CA ALA A 137 -2.55 12.66 19.57
C ALA A 137 -1.84 11.63 18.72
N GLN A 138 -0.77 12.08 18.07
CA GLN A 138 -0.03 11.24 17.18
C GLN A 138 1.48 11.45 17.37
N PHE A 139 2.27 10.39 17.14
CA PHE A 139 3.71 10.60 16.98
C PHE A 139 4.20 10.27 15.59
N TYR A 140 5.37 10.75 15.26
CA TYR A 140 5.88 10.65 13.94
C TYR A 140 7.32 10.23 14.09
N HIS A 141 7.75 9.36 13.20
CA HIS A 141 9.07 8.83 13.19
C HIS A 141 9.68 9.28 11.87
N SER A 142 10.89 9.81 11.90
CA SER A 142 11.53 10.21 10.67
C SER A 142 11.98 8.99 9.87
N PRO A 143 11.64 8.91 8.57
CA PRO A 143 12.16 7.75 7.84
C PRO A 143 13.59 7.95 7.40
N ALA A 144 14.09 9.20 7.47
CA ALA A 144 15.50 9.46 7.14
C ALA A 144 16.47 9.18 8.30
N ASP A 145 15.99 9.07 9.52
CA ASP A 145 16.87 9.00 10.69
C ASP A 145 16.02 8.43 11.78
N ASN A 146 16.24 7.17 12.07
CA ASN A 146 15.39 6.45 12.97
C ASN A 146 15.58 6.82 14.45
N LYS A 147 16.52 7.73 14.73
CA LYS A 147 16.70 8.27 16.11
C LYS A 147 15.70 9.39 16.45
N ARG A 148 15.04 9.96 15.42
CA ARG A 148 14.21 11.17 15.58
C ARG A 148 12.72 10.88 15.63
N TYR A 149 12.05 11.47 16.62
CA TYR A 149 10.61 11.42 16.78
C TYR A 149 10.05 12.78 17.14
N ILE A 150 8.78 12.99 16.74
CA ILE A 150 7.99 14.12 17.14
C ILE A 150 6.69 13.64 17.74
N PHE A 151 6.37 14.12 18.94
CA PHE A 151 5.11 13.83 19.58
C PHE A 151 4.29 15.15 19.56
N ALA A 152 3.07 15.07 19.04
CA ALA A 152 2.22 16.25 18.86
C ALA A 152 1.12 16.24 19.90
N ASP A 153 0.91 17.39 20.56
CA ASP A 153 -0.17 17.48 21.53
C ASP A 153 -1.52 17.54 20.81
N ALA A 154 -2.50 16.85 21.36
CA ALA A 154 -3.85 16.86 20.80
C ALA A 154 -4.51 18.24 20.87
N TYR A 155 -4.23 18.98 21.95
CA TYR A 155 -4.94 20.24 22.25
C TYR A 155 -4.13 21.52 22.09
N ALA A 156 -3.02 21.62 22.82
CA ALA A 156 -2.13 22.78 22.68
C ALA A 156 -1.44 22.81 21.32
N GLN A 157 -1.07 24.00 20.87
CA GLN A 157 -0.18 24.16 19.74
C GLN A 157 1.26 23.91 20.18
N TYR A 158 1.63 22.64 20.29
CA TYR A 158 2.86 22.28 20.94
C TYR A 158 3.38 20.90 20.51
N LEU A 159 4.70 20.81 20.40
CA LEU A 159 5.40 19.58 19.98
C LEU A 159 6.50 19.25 20.97
N TRP A 160 6.84 17.97 21.06
CA TRP A 160 8.09 17.55 21.68
C TRP A 160 8.90 16.78 20.63
N ILE A 161 10.16 17.15 20.50
CA ILE A 161 11.05 16.46 19.61
C ILE A 161 12.24 15.81 20.34
N THR A 162 12.71 14.70 19.78
CA THR A 162 13.88 14.01 20.26
C THR A 162 14.76 13.63 19.08
N PHE A 163 16.08 13.72 19.29
CA PHE A 163 17.05 13.34 18.30
C PHE A 163 17.80 12.05 18.71
N ASP A 164 17.39 11.42 19.81
CA ASP A 164 18.20 10.34 20.40
C ASP A 164 17.32 9.26 21.00
N PHE A 165 16.33 8.81 20.22
CA PHE A 165 15.47 7.73 20.65
C PHE A 165 14.74 8.05 21.94
N CYS A 166 14.30 9.30 22.13
CA CYS A 166 13.51 9.68 23.32
C CYS A 166 14.32 9.71 24.64
N ASN A 167 15.64 9.57 24.57
CA ASN A 167 16.45 9.77 25.75
C ASN A 167 16.28 11.24 26.25
N THR A 168 16.31 12.19 25.32
CA THR A 168 16.09 13.62 25.57
C THR A 168 14.92 14.13 24.71
N LEU A 169 13.91 14.71 25.38
CA LEU A 169 12.81 15.35 24.70
C LEU A 169 12.78 16.87 25.01
N GLN A 170 12.57 17.69 24.00
CA GLN A 170 12.32 19.10 24.23
C GLN A 170 10.99 19.55 23.64
N GLY A 171 10.21 20.29 24.43
CA GLY A 171 8.98 20.89 23.99
C GLY A 171 9.15 22.21 23.28
N PHE A 172 8.31 22.44 22.28
CA PHE A 172 8.32 23.68 21.52
C PHE A 172 6.89 24.10 21.24
N SER A 173 6.59 25.37 21.49
CA SER A 173 5.27 25.86 21.16
C SER A 173 5.33 26.24 19.69
N ILE A 174 4.21 26.04 18.99
CA ILE A 174 4.25 26.21 17.53
C ILE A 174 3.06 27.04 17.04
N PRO A 175 3.17 27.67 15.88
CA PRO A 175 2.09 28.59 15.47
C PRO A 175 0.84 27.95 14.85
N PHE A 176 0.67 26.64 15.00
CA PHE A 176 -0.54 25.94 14.54
C PHE A 176 -0.67 24.67 15.37
N ARG A 177 -1.83 24.04 15.31
CA ARG A 177 -1.96 22.74 15.95
C ARG A 177 -1.52 21.70 14.92
N ALA A 178 -0.72 20.72 15.36
CA ALA A 178 -0.09 19.77 14.44
C ALA A 178 -0.95 18.55 14.17
N ALA A 179 -2.01 18.79 13.40
CA ALA A 179 -2.93 17.75 12.97
C ALA A 179 -2.23 16.70 12.06
N ASP A 180 -1.45 17.20 11.14
CA ASP A 180 -0.71 16.38 10.22
C ASP A 180 0.63 17.01 9.94
N LEU A 181 1.68 16.27 10.26
CA LEU A 181 3.04 16.62 9.91
C LEU A 181 3.45 15.69 8.79
N LEU A 182 4.20 16.18 7.81
CA LEU A 182 4.68 15.34 6.71
C LEU A 182 6.18 15.41 6.65
N LEU A 183 6.83 14.40 7.22
CA LEU A 183 8.28 14.49 7.35
C LEU A 183 8.90 14.03 6.05
N HIS A 184 9.99 14.66 5.67
CA HIS A 184 10.62 14.37 4.41
C HIS A 184 11.30 13.01 4.49
N SER A 185 11.22 12.21 3.40
CA SER A 185 11.75 10.84 3.46
C SER A 185 13.29 10.82 3.40
N LYS A 186 13.92 11.83 2.82
CA LYS A 186 15.39 11.91 2.80
C LYS A 186 16.08 12.97 3.71
N ALA A 187 15.51 14.17 3.85
CA ALA A 187 16.19 15.25 4.57
C ALA A 187 15.58 15.29 5.97
N SER A 188 16.31 14.80 6.97
CA SER A 188 15.75 14.59 8.30
C SER A 188 15.30 15.87 9.01
N ASN A 189 15.86 17.00 8.63
CA ASN A 189 15.43 18.25 9.25
C ASN A 189 14.16 18.84 8.65
N LEU A 190 13.74 18.36 7.48
CA LEU A 190 12.71 19.02 6.69
C LEU A 190 11.34 18.41 6.86
N LEU A 191 10.30 19.22 7.05
CA LEU A 191 8.95 18.69 7.21
C LEU A 191 7.94 19.77 6.96
N LEU A 192 6.69 19.34 6.73
CA LEU A 192 5.60 20.23 6.44
C LEU A 192 4.59 20.00 7.50
N GLY A 193 3.74 21.00 7.72
CA GLY A 193 2.67 20.87 8.70
C GLY A 193 1.45 21.58 8.14
N PHE A 194 0.31 20.94 8.33
CA PHE A 194 -0.91 21.36 7.67
C PHE A 194 -1.90 21.63 8.78
N ASP A 195 -2.33 22.86 8.83
CA ASP A 195 -3.26 23.32 9.86
C ASP A 195 -4.69 23.13 9.34
N ARG A 196 -5.32 22.04 9.73
CA ARG A 196 -6.62 21.65 9.16
C ARG A 196 -7.78 22.14 10.01
N SER A 197 -7.49 22.80 11.14
CA SER A 197 -8.53 23.28 12.04
C SER A 197 -9.22 24.52 11.48
N HIS A 198 -8.44 25.50 11.04
CA HIS A 198 -8.99 26.69 10.39
C HIS A 198 -9.61 26.33 9.03
N PRO A 199 -10.67 27.05 8.64
CA PRO A 199 -10.97 27.03 7.20
C PRO A 199 -9.92 27.83 6.38
N ASN A 200 -9.08 28.65 7.00
CA ASN A 200 -8.04 29.43 6.30
C ASN A 200 -6.92 28.63 5.59
N LYS A 201 -6.81 27.35 5.98
CA LYS A 201 -6.04 26.33 5.22
C LYS A 201 -4.56 26.67 4.90
N GLN A 202 -3.71 26.64 5.91
CA GLN A 202 -2.32 27.12 5.81
C GLN A 202 -1.34 25.97 5.81
N LEU A 203 -0.35 26.07 4.94
CA LEU A 203 0.71 25.07 4.89
C LEU A 203 1.98 25.66 5.51
N TRP A 204 2.52 24.97 6.49
CA TRP A 204 3.72 25.43 7.21
C TRP A 204 4.93 24.51 6.89
N LYS A 205 6.10 25.11 6.82
CA LYS A 205 7.31 24.38 6.60
C LYS A 205 8.37 24.67 7.69
N SER A 206 9.05 23.61 8.12
CA SER A 206 10.15 23.65 9.05
C SER A 206 11.37 22.96 8.48
N ASP A 207 12.54 23.59 8.68
CA ASP A 207 13.81 22.96 8.37
C ASP A 207 14.69 22.72 9.60
N ASP A 208 14.11 22.63 10.78
CA ASP A 208 14.90 22.31 11.99
C ASP A 208 14.12 21.32 12.82
N PHE A 209 13.40 20.44 12.12
CA PHE A 209 12.69 19.36 12.74
C PHE A 209 11.58 19.83 13.64
N GLY A 210 10.96 20.96 13.29
CA GLY A 210 9.73 21.37 13.98
C GLY A 210 9.90 22.43 15.09
N GLN A 211 11.08 23.04 15.15
CA GLN A 211 11.36 23.98 16.22
C GLN A 211 10.87 25.35 15.78
N THR A 212 11.21 25.76 14.54
CA THR A 212 10.64 26.95 13.96
C THR A 212 9.97 26.64 12.60
N TRP A 213 8.98 27.47 12.26
CA TRP A 213 8.09 27.21 11.14
C TRP A 213 7.83 28.49 10.37
N ILE A 214 7.76 28.40 9.05
CA ILE A 214 7.28 29.53 8.26
C ILE A 214 6.04 29.10 7.45
N MET A 215 5.16 30.06 7.19
CA MET A 215 3.88 29.79 6.54
C MET A 215 4.14 30.04 5.08
N ILE A 216 4.09 28.96 4.28
CA ILE A 216 4.57 29.10 2.91
C ILE A 216 3.42 29.20 1.93
N GLN A 217 2.22 28.82 2.34
CA GLN A 217 1.08 28.94 1.45
C GLN A 217 -0.19 28.90 2.26
N GLU A 218 -1.08 29.78 1.90
CA GLU A 218 -2.39 29.87 2.54
C GLU A 218 -3.47 29.39 1.52
N HIS A 219 -4.70 29.16 1.97
CA HIS A 219 -5.77 28.78 1.05
C HIS A 219 -5.47 27.49 0.28
N VAL A 220 -4.81 26.53 0.93
CA VAL A 220 -4.33 25.36 0.24
C VAL A 220 -5.46 24.40 0.06
N LYS A 221 -5.64 23.95 -1.16
CA LYS A 221 -6.67 22.95 -1.46
C LYS A 221 -5.97 21.60 -1.39
N SER A 222 -4.83 21.51 -2.05
CA SER A 222 -4.10 20.28 -1.94
C SER A 222 -2.62 20.52 -2.19
N PHE A 223 -1.79 19.64 -1.67
CA PHE A 223 -0.35 19.86 -1.79
C PHE A 223 0.32 18.50 -1.69
N SER A 224 1.58 18.42 -2.12
CA SER A 224 2.37 17.22 -1.90
C SER A 224 3.85 17.51 -2.02
N TRP A 225 4.64 16.84 -1.19
CA TRP A 225 6.10 16.71 -1.44
C TRP A 225 6.33 16.11 -2.81
N GLY A 226 7.43 16.50 -3.43
CA GLY A 226 7.88 15.86 -4.64
C GLY A 226 8.34 14.46 -4.27
N ILE A 227 8.73 13.68 -5.27
CA ILE A 227 9.19 12.29 -5.06
C ILE A 227 10.51 12.08 -5.81
N ASP A 228 11.51 11.52 -5.11
CA ASP A 228 12.81 11.11 -5.63
C ASP A 228 12.74 9.65 -6.17
N PRO A 229 13.26 9.42 -7.38
CA PRO A 229 14.17 10.39 -8.00
C PRO A 229 13.56 11.42 -8.96
N TYR A 230 12.24 11.39 -9.18
CA TYR A 230 11.62 12.17 -10.28
C TYR A 230 11.62 13.68 -10.15
N ASP A 231 11.60 14.20 -8.94
CA ASP A 231 11.57 15.65 -8.75
C ASP A 231 12.89 16.16 -8.17
N LYS A 232 13.24 17.37 -8.54
CA LYS A 232 14.37 18.02 -7.92
C LYS A 232 14.23 18.05 -6.41
N PRO A 233 15.36 18.25 -5.71
CA PRO A 233 15.34 18.32 -4.24
C PRO A 233 14.46 19.49 -3.76
N ASN A 234 13.74 19.28 -2.65
CA ASN A 234 12.85 20.30 -2.06
C ASN A 234 11.53 20.56 -2.80
N THR A 235 11.26 19.82 -3.89
CA THR A 235 10.08 20.06 -4.70
C THR A 235 8.80 19.92 -3.88
N ILE A 236 7.91 20.92 -4.00
CA ILE A 236 6.56 20.80 -3.42
C ILE A 236 5.59 21.18 -4.52
N TYR A 237 4.45 20.50 -4.58
CA TYR A 237 3.38 20.81 -5.53
C TYR A 237 2.24 21.35 -4.72
N ILE A 238 1.56 22.37 -5.24
CA ILE A 238 0.46 22.94 -4.51
C ILE A 238 -0.65 23.39 -5.45
N GLU A 239 -1.87 23.35 -4.95
CA GLU A 239 -2.99 23.96 -5.62
C GLU A 239 -3.79 24.72 -4.55
N ARG A 240 -4.13 25.97 -4.81
CA ARG A 240 -5.00 26.76 -3.90
C ARG A 240 -6.46 26.64 -4.25
N HIS A 241 -7.35 26.75 -3.25
CA HIS A 241 -8.76 27.09 -3.47
C HIS A 241 -8.85 28.50 -4.11
N GLU A 242 -9.80 28.67 -5.03
CA GLU A 242 -10.02 29.92 -5.73
C GLU A 242 -11.52 30.22 -5.78
N PRO A 243 -11.87 31.51 -5.84
CA PRO A 243 -13.27 31.93 -5.84
C PRO A 243 -14.04 31.33 -7.04
N SER A 244 -13.39 31.22 -8.19
CA SER A 244 -14.03 30.63 -9.34
C SER A 244 -14.18 29.08 -9.28
N GLY A 245 -13.48 28.42 -8.36
CA GLY A 245 -13.49 26.96 -8.25
C GLY A 245 -12.46 26.30 -9.15
N TYR A 246 -11.78 27.10 -9.95
CA TYR A 246 -10.76 26.64 -10.88
C TYR A 246 -9.42 27.22 -10.50
N SER A 247 -8.39 26.41 -10.59
CA SER A 247 -7.18 26.73 -9.90
C SER A 247 -5.96 26.27 -10.70
N THR A 248 -4.77 26.66 -10.26
CA THR A 248 -3.56 26.31 -10.95
C THR A 248 -2.72 25.40 -10.06
N VAL A 249 -2.13 24.33 -10.64
CA VAL A 249 -1.19 23.50 -9.90
C VAL A 249 0.20 24.10 -10.13
N PHE A 250 0.91 24.41 -9.05
CA PHE A 250 2.21 25.10 -9.16
C PHE A 250 3.24 24.17 -8.55
N ARG A 251 4.48 24.26 -9.03
CA ARG A 251 5.58 23.53 -8.40
C ARG A 251 6.67 24.52 -7.97
N SER A 252 7.23 24.32 -6.80
CA SER A 252 8.32 25.17 -6.36
C SER A 252 9.42 24.33 -5.72
N THR A 253 10.65 24.80 -5.89
CA THR A 253 11.81 24.20 -5.23
C THR A 253 12.43 25.06 -4.13
N ASP A 254 11.86 26.23 -3.83
CA ASP A 254 12.33 27.02 -2.68
C ASP A 254 11.18 27.40 -1.77
N PHE A 255 10.21 26.51 -1.62
CA PHE A 255 9.12 26.70 -0.68
C PHE A 255 8.32 27.99 -0.96
N PHE A 256 8.14 28.30 -2.24
CA PHE A 256 7.32 29.44 -2.67
C PHE A 256 7.80 30.80 -2.15
N GLN A 257 9.11 30.98 -2.16
CA GLN A 257 9.73 32.23 -1.71
C GLN A 257 10.05 33.15 -2.89
N SER A 258 9.97 32.67 -4.13
CA SER A 258 10.31 33.50 -5.29
C SER A 258 9.68 33.02 -6.61
N ARG A 259 9.41 33.95 -7.52
CA ARG A 259 8.86 33.62 -8.84
C ARG A 259 9.78 32.72 -9.68
N GLU A 260 11.08 32.88 -9.51
CA GLU A 260 12.01 32.17 -10.39
C GLU A 260 12.09 30.66 -10.14
N ASN A 261 11.83 30.22 -8.91
CA ASN A 261 11.91 28.76 -8.60
C ASN A 261 10.54 28.10 -8.54
N GLN A 262 9.61 28.67 -9.31
CA GLN A 262 8.23 28.29 -9.29
C GLN A 262 7.80 28.03 -10.73
N GLU A 263 6.92 27.07 -10.94
CA GLU A 263 6.53 26.68 -12.28
C GLU A 263 5.06 26.29 -12.33
N VAL A 264 4.36 26.75 -13.36
CA VAL A 264 2.96 26.36 -13.63
C VAL A 264 2.97 24.95 -14.21
N ILE A 265 2.21 24.02 -13.60
CA ILE A 265 2.07 22.68 -14.13
C ILE A 265 0.80 22.52 -14.98
N LEU A 266 -0.31 23.08 -14.52
CA LEU A 266 -1.56 22.94 -15.24
C LEU A 266 -2.50 24.00 -14.73
N GLU A 267 -3.41 24.50 -15.58
CA GLU A 267 -4.32 25.57 -15.17
C GLU A 267 -5.73 25.12 -15.37
N GLU A 268 -6.67 25.84 -14.74
CA GLU A 268 -8.11 25.54 -14.80
C GLU A 268 -8.39 24.13 -14.28
N VAL A 269 -7.77 23.85 -13.17
CA VAL A 269 -7.84 22.56 -12.56
C VAL A 269 -8.87 22.55 -11.41
N ARG A 270 -9.49 21.40 -11.20
CA ARG A 270 -10.30 21.15 -9.99
C ARG A 270 -9.47 20.50 -8.90
N ASP A 271 -8.87 19.36 -9.21
CA ASP A 271 -8.07 18.64 -8.22
C ASP A 271 -6.77 18.11 -8.75
N PHE A 272 -5.94 17.66 -7.83
CA PHE A 272 -4.72 17.12 -8.26
C PHE A 272 -4.14 16.12 -7.26
N GLN A 273 -3.39 15.14 -7.77
CA GLN A 273 -2.73 14.11 -6.92
C GLN A 273 -1.44 13.67 -7.55
N LEU A 274 -0.51 13.31 -6.71
CA LEU A 274 0.78 12.80 -7.15
C LEU A 274 0.86 11.34 -6.69
N ARG A 275 1.21 10.40 -7.58
CA ARG A 275 1.40 8.98 -7.20
C ARG A 275 2.56 8.36 -7.99
N ASP A 276 3.72 8.27 -7.37
CA ASP A 276 4.92 7.63 -7.96
C ASP A 276 5.38 8.43 -9.16
N LYS A 277 5.58 7.76 -10.30
CA LYS A 277 6.00 8.38 -11.53
C LYS A 277 4.88 9.18 -12.15
N TYR A 278 3.67 9.06 -11.61
CA TYR A 278 2.55 9.78 -12.26
C TYR A 278 2.03 10.98 -11.46
N MET A 279 1.43 11.91 -12.19
CA MET A 279 0.73 13.03 -11.61
C MET A 279 -0.61 13.06 -12.28
N PHE A 280 -1.66 13.30 -11.50
CA PHE A 280 -3.03 13.39 -12.01
C PHE A 280 -3.62 14.78 -11.69
N ALA A 281 -4.46 15.30 -12.58
CA ALA A 281 -5.20 16.52 -12.33
C ALA A 281 -6.51 16.41 -13.08
N THR A 282 -7.47 17.28 -12.77
CA THR A 282 -8.73 17.27 -13.46
C THR A 282 -9.15 18.64 -13.97
N LYS A 283 -9.79 18.63 -15.13
CA LYS A 283 -10.45 19.80 -15.66
C LYS A 283 -11.89 19.44 -15.94
N VAL A 284 -12.70 20.44 -16.26
CA VAL A 284 -14.08 20.23 -16.59
C VAL A 284 -14.27 20.61 -18.08
N VAL A 285 -15.02 19.79 -18.82
CA VAL A 285 -15.34 20.03 -20.21
C VAL A 285 -16.86 20.00 -20.35
N HIS A 286 -17.33 20.44 -21.51
CA HIS A 286 -18.74 20.26 -21.94
C HIS A 286 -18.81 19.61 -23.31
N GLN A 292 -25.44 20.12 -23.38
CA GLN A 292 -24.01 19.98 -23.14
C GLN A 292 -23.76 19.87 -21.64
N GLN A 293 -23.88 18.68 -21.09
CA GLN A 293 -23.65 18.51 -19.67
C GLN A 293 -22.16 18.58 -19.42
N SER A 294 -21.80 19.10 -18.27
CA SER A 294 -20.39 19.14 -17.94
C SER A 294 -19.92 17.76 -17.44
N SER A 295 -18.64 17.52 -17.57
CA SER A 295 -18.05 16.25 -17.25
C SER A 295 -16.61 16.51 -16.87
N VAL A 296 -16.03 15.62 -16.07
CA VAL A 296 -14.66 15.80 -15.58
C VAL A 296 -13.72 15.01 -16.45
N GLN A 297 -12.71 15.68 -16.93
CA GLN A 297 -11.71 15.11 -17.75
C GLN A 297 -10.44 14.96 -16.91
N LEU A 298 -9.86 13.75 -16.96
CA LEU A 298 -8.60 13.41 -16.30
C LEU A 298 -7.37 13.81 -17.11
N TRP A 299 -6.38 14.43 -16.45
CA TRP A 299 -5.12 14.80 -17.09
C TRP A 299 -3.99 14.04 -16.39
N VAL A 300 -2.96 13.62 -17.12
CA VAL A 300 -1.96 12.74 -16.60
C VAL A 300 -0.60 13.11 -17.12
N SER A 301 0.37 12.96 -16.24
CA SER A 301 1.77 13.10 -16.58
C SER A 301 2.48 11.83 -16.12
N PHE A 302 3.32 11.30 -17.00
CA PHE A 302 4.17 10.15 -16.69
C PHE A 302 5.61 10.62 -16.75
N GLY A 303 6.41 10.27 -15.75
CA GLY A 303 7.81 10.72 -15.72
C GLY A 303 8.01 12.25 -15.77
N ARG A 304 7.05 13.02 -15.27
CA ARG A 304 7.22 14.48 -15.17
C ARG A 304 7.29 15.22 -16.49
N LYS A 305 6.83 14.58 -17.55
CA LYS A 305 6.59 15.24 -18.83
C LYS A 305 5.30 16.05 -18.71
N PRO A 306 5.07 16.99 -19.64
CA PRO A 306 3.87 17.85 -19.54
C PRO A 306 2.60 17.01 -19.41
N MET A 307 1.62 17.52 -18.68
CA MET A 307 0.37 16.82 -18.53
C MET A 307 -0.44 16.79 -19.83
N ARG A 308 -1.17 15.70 -20.07
CA ARG A 308 -2.03 15.62 -21.25
C ARG A 308 -3.39 15.06 -20.86
N ALA A 309 -4.40 15.35 -21.67
CA ALA A 309 -5.74 14.92 -21.42
C ALA A 309 -5.82 13.43 -21.65
N ALA A 310 -6.33 12.70 -20.68
CA ALA A 310 -6.58 11.29 -20.90
C ALA A 310 -7.87 11.21 -21.72
N GLN A 311 -8.04 10.13 -22.46
CA GLN A 311 -9.27 9.90 -23.19
C GLN A 311 -10.07 8.87 -22.42
N PHE A 312 -11.24 9.33 -22.03
CA PHE A 312 -12.22 8.50 -21.39
C PHE A 312 -13.49 8.80 -22.16
N VAL A 313 -13.94 7.81 -22.92
CA VAL A 313 -15.17 7.98 -23.70
C VAL A 313 -16.33 7.29 -22.97
N THR A 314 -17.33 8.07 -22.59
CA THR A 314 -18.58 7.51 -22.07
C THR A 314 -19.77 8.30 -22.59
N ARG A 315 -20.95 7.70 -22.48
CA ARG A 315 -22.14 8.34 -22.99
C ARG A 315 -22.63 9.36 -21.98
N HIS A 316 -22.16 9.22 -20.74
CA HIS A 316 -22.64 10.01 -19.62
C HIS A 316 -21.51 10.68 -18.87
N PRO A 317 -21.81 11.77 -18.15
CA PRO A 317 -20.73 12.50 -17.47
C PRO A 317 -19.96 11.64 -16.46
N ILE A 318 -18.66 11.89 -16.37
CA ILE A 318 -17.86 11.32 -15.29
C ILE A 318 -17.73 12.39 -14.20
N ASN A 319 -18.02 12.02 -12.97
CA ASN A 319 -17.99 12.97 -11.82
C ASN A 319 -16.65 12.96 -11.08
N GLU A 320 -15.95 11.84 -11.10
CA GLU A 320 -14.70 11.69 -10.37
C GLU A 320 -13.95 10.45 -10.81
N TYR A 321 -12.66 10.44 -10.50
CA TYR A 321 -11.82 9.32 -10.77
C TYR A 321 -11.21 8.90 -9.45
N TYR A 322 -11.02 7.58 -9.32
CA TYR A 322 -10.30 7.02 -8.22
C TYR A 322 -9.06 6.37 -8.76
N ILE A 323 -7.89 6.83 -8.32
CA ILE A 323 -6.65 6.25 -8.78
C ILE A 323 -6.33 5.08 -7.85
N ALA A 324 -6.47 3.84 -8.34
CA ALA A 324 -6.32 2.65 -7.49
C ALA A 324 -4.87 2.23 -7.33
N ASP A 325 -4.04 2.47 -8.34
CA ASP A 325 -2.66 2.08 -8.30
C ASP A 325 -1.97 2.67 -9.53
N ALA A 326 -0.71 3.07 -9.40
CA ALA A 326 0.05 3.68 -10.49
C ALA A 326 1.52 3.30 -10.33
N SER A 327 1.77 2.14 -9.73
CA SER A 327 3.13 1.75 -9.38
C SER A 327 3.83 0.80 -10.37
N GLU A 328 3.13 0.30 -11.39
CA GLU A 328 3.85 -0.61 -12.30
C GLU A 328 3.77 -0.19 -13.75
N ASP A 329 4.13 1.07 -14.02
CA ASP A 329 4.13 1.62 -15.39
C ASP A 329 2.79 1.53 -16.11
N GLN A 330 1.73 1.66 -15.34
CA GLN A 330 0.43 1.91 -15.93
C GLN A 330 -0.43 2.45 -14.81
N VAL A 331 -1.65 2.86 -15.13
CA VAL A 331 -2.52 3.39 -14.13
C VAL A 331 -3.75 2.52 -14.11
N PHE A 332 -4.17 2.14 -12.91
CA PHE A 332 -5.49 1.55 -12.67
C PHE A 332 -6.39 2.66 -12.11
N VAL A 333 -7.55 2.84 -12.71
CA VAL A 333 -8.47 3.88 -12.31
C VAL A 333 -9.84 3.30 -12.22
N CYS A 334 -10.57 3.72 -11.20
CA CYS A 334 -11.96 3.30 -11.03
C CYS A 334 -12.88 4.46 -11.30
N VAL A 335 -13.93 4.20 -12.05
CA VAL A 335 -14.94 5.18 -12.37
C VAL A 335 -16.32 4.57 -12.07
N SER A 336 -17.22 5.38 -11.50
CA SER A 336 -18.62 5.01 -11.10
C SER A 336 -18.62 4.26 -9.79
N HIS A 337 -19.63 4.50 -8.95
CA HIS A 337 -19.77 3.84 -7.63
C HIS A 337 -21.23 3.46 -7.30
N SER A 338 -22.05 3.21 -8.33
CA SER A 338 -23.43 2.77 -8.16
C SER A 338 -23.50 1.40 -7.48
N ASN A 339 -24.38 1.28 -6.47
CA ASN A 339 -24.63 0.02 -5.75
C ASN A 339 -23.38 -0.62 -5.15
N ASN A 340 -22.49 0.21 -4.63
CA ASN A 340 -21.23 -0.25 -4.05
C ASN A 340 -20.33 -1.07 -5.01
N ARG A 341 -20.38 -0.69 -6.29
CA ARG A 341 -19.59 -1.31 -7.35
C ARG A 341 -18.86 -0.19 -8.13
N THR A 342 -17.70 -0.53 -8.67
CA THR A 342 -17.03 0.37 -9.57
C THR A 342 -16.45 -0.47 -10.70
N ASN A 343 -15.98 0.22 -11.74
CA ASN A 343 -15.35 -0.38 -12.87
C ASN A 343 -13.89 -0.01 -12.94
N LEU A 344 -13.04 -1.01 -13.18
CA LEU A 344 -11.61 -0.86 -13.12
C LEU A 344 -11.09 -0.71 -14.52
N TYR A 345 -10.40 0.41 -14.80
CA TYR A 345 -9.76 0.65 -16.09
C TYR A 345 -8.27 0.66 -15.97
N ILE A 346 -7.56 0.29 -17.05
CA ILE A 346 -6.10 0.26 -17.11
C ILE A 346 -5.61 1.02 -18.32
N SER A 347 -4.40 1.55 -18.24
CA SER A 347 -3.82 2.30 -19.30
C SER A 347 -2.54 1.61 -19.75
N GLU A 348 -1.88 2.17 -20.76
CA GLU A 348 -0.49 1.86 -21.05
C GLU A 348 0.37 2.84 -20.21
N ALA A 349 1.66 2.91 -20.52
CA ALA A 349 2.62 3.63 -19.68
C ALA A 349 2.33 5.15 -19.59
N GLU A 350 1.87 5.75 -20.66
CA GLU A 350 1.61 7.21 -20.71
C GLU A 350 0.43 7.59 -19.83
N GLY A 351 -0.46 6.65 -19.57
CA GLY A 351 -1.57 6.89 -18.64
C GLY A 351 -2.72 7.67 -19.26
N LEU A 352 -2.93 7.51 -20.57
CA LEU A 352 -3.85 8.36 -21.31
C LEU A 352 -4.98 7.63 -22.00
N LYS A 353 -4.75 6.38 -22.39
CA LYS A 353 -5.81 5.61 -23.06
C LYS A 353 -6.17 4.39 -22.27
N PHE A 354 -7.37 4.44 -21.70
CA PHE A 354 -7.82 3.45 -20.76
C PHE A 354 -8.78 2.46 -21.38
N SER A 355 -8.71 1.22 -20.90
CA SER A 355 -9.65 0.16 -21.31
C SER A 355 -10.20 -0.50 -20.09
N LEU A 356 -11.44 -0.93 -20.20
CA LEU A 356 -12.17 -1.54 -19.10
C LEU A 356 -11.69 -3.01 -18.88
N SER A 357 -10.97 -3.23 -17.79
CA SER A 357 -10.41 -4.51 -17.42
C SER A 357 -11.33 -5.36 -16.54
N LEU A 358 -12.11 -4.74 -15.65
CA LEU A 358 -12.90 -5.52 -14.69
C LEU A 358 -14.07 -4.71 -14.21
N GLU A 359 -15.27 -5.28 -14.34
CA GLU A 359 -16.48 -4.58 -13.94
C GLU A 359 -16.95 -5.04 -12.59
N ASN A 360 -17.75 -4.21 -11.92
CA ASN A 360 -18.36 -4.60 -10.65
C ASN A 360 -17.40 -4.91 -9.51
N VAL A 361 -16.21 -4.30 -9.50
CA VAL A 361 -15.34 -4.39 -8.33
C VAL A 361 -16.05 -3.75 -7.14
N LEU A 362 -16.01 -4.42 -6.00
CA LEU A 362 -16.58 -3.89 -4.77
C LEU A 362 -15.98 -2.57 -4.41
N TYR A 363 -16.84 -1.64 -4.04
CA TYR A 363 -16.39 -0.32 -3.73
C TYR A 363 -17.18 0.19 -2.54
N TYR A 364 -16.51 0.52 -1.45
CA TYR A 364 -17.22 1.18 -0.36
C TYR A 364 -16.48 2.43 0.06
N SER A 365 -17.14 3.57 -0.03
CA SER A 365 -16.56 4.80 0.56
C SER A 365 -17.48 5.35 1.65
N PRO A 366 -16.93 6.16 2.56
CA PRO A 366 -17.86 6.81 3.49
C PRO A 366 -18.69 7.91 2.80
N GLY A 367 -18.19 8.42 1.67
CA GLY A 367 -18.81 9.55 0.99
C GLY A 367 -17.93 10.77 1.14
N GLY A 368 -18.25 11.84 0.43
CA GLY A 368 -17.51 13.09 0.57
C GLY A 368 -18.46 14.23 0.31
N ALA A 369 -17.90 15.45 0.29
CA ALA A 369 -18.69 16.69 0.23
C ALA A 369 -19.51 16.85 -1.05
N GLY A 370 -19.05 16.22 -2.14
CA GLY A 370 -19.78 16.20 -3.41
C GLY A 370 -19.03 16.94 -4.52
N SER A 371 -17.90 17.55 -4.20
CA SER A 371 -17.20 18.32 -5.22
C SER A 371 -15.80 17.80 -5.51
N ASP A 372 -15.40 16.73 -4.84
CA ASP A 372 -14.12 16.07 -5.14
C ASP A 372 -14.12 15.41 -6.50
N THR A 373 -13.07 15.63 -7.31
CA THR A 373 -13.06 15.00 -8.62
C THR A 373 -11.96 13.94 -8.66
N LEU A 374 -11.10 13.91 -7.65
CA LEU A 374 -10.16 12.83 -7.47
C LEU A 374 -10.40 12.23 -6.09
N VAL A 375 -10.66 10.93 -6.01
CA VAL A 375 -10.96 10.34 -4.71
C VAL A 375 -9.76 10.39 -3.75
N ARG A 376 -9.98 10.93 -2.56
CA ARG A 376 -8.93 10.94 -1.52
C ARG A 376 -9.19 9.72 -0.64
N TYR A 377 -8.13 8.95 -0.39
CA TYR A 377 -8.23 7.86 0.58
C TYR A 377 -6.83 7.48 1.05
N PHE A 378 -6.76 6.79 2.18
CA PHE A 378 -5.47 6.28 2.67
C PHE A 378 -5.16 4.91 2.04
N ALA A 379 -3.90 4.72 1.61
CA ALA A 379 -3.45 3.47 0.98
C ALA A 379 -3.83 2.21 1.75
N ASN A 380 -3.66 2.25 3.07
CA ASN A 380 -4.01 1.12 3.93
C ASN A 380 -5.53 0.95 4.15
N GLU A 381 -6.34 1.83 3.57
CA GLU A 381 -7.80 1.69 3.58
C GLU A 381 -8.43 1.96 2.19
N PRO A 382 -8.07 1.17 1.17
CA PRO A 382 -8.63 1.45 -0.16
C PRO A 382 -10.15 1.33 -0.17
N PHE A 383 -10.82 2.20 -0.91
CA PHE A 383 -12.27 2.07 -1.03
C PHE A 383 -12.65 0.97 -2.01
N ALA A 384 -11.77 0.69 -2.97
CA ALA A 384 -12.03 -0.34 -3.98
C ALA A 384 -11.41 -1.61 -3.45
N ASP A 385 -12.13 -2.71 -3.59
CA ASP A 385 -11.62 -3.99 -3.12
C ASP A 385 -10.64 -4.52 -4.15
N PHE A 386 -9.41 -4.01 -4.09
CA PHE A 386 -8.42 -4.17 -5.15
C PHE A 386 -7.07 -3.98 -4.47
N HIS A 387 -6.14 -4.92 -4.70
CA HIS A 387 -4.95 -5.02 -3.86
C HIS A 387 -3.78 -5.49 -4.67
N ARG A 388 -2.70 -4.73 -4.59
CA ARG A 388 -1.47 -5.11 -5.28
C ARG A 388 -0.75 -6.10 -4.41
N VAL A 389 -0.27 -7.20 -4.97
CA VAL A 389 0.56 -8.13 -4.21
C VAL A 389 2.03 -7.69 -4.30
N GLU A 390 2.65 -7.40 -3.15
CA GLU A 390 4.07 -6.97 -3.08
C GLU A 390 5.05 -8.08 -3.38
N GLY A 391 6.20 -7.71 -3.92
CA GLY A 391 7.24 -8.70 -4.21
C GLY A 391 7.26 -9.22 -5.62
N LEU A 392 6.15 -8.99 -6.32
CA LEU A 392 5.92 -9.48 -7.67
C LEU A 392 5.43 -8.33 -8.53
N GLN A 393 5.90 -8.26 -9.77
CA GLN A 393 5.26 -7.46 -10.78
C GLN A 393 4.08 -8.24 -11.34
N GLY A 394 2.96 -7.56 -11.55
CA GLY A 394 1.93 -8.10 -12.44
C GLY A 394 0.74 -8.58 -11.68
N VAL A 395 0.91 -8.80 -10.37
CA VAL A 395 -0.10 -9.54 -9.61
C VAL A 395 -0.95 -8.65 -8.72
N TYR A 396 -2.25 -8.70 -8.92
CA TYR A 396 -3.21 -7.96 -8.19
C TYR A 396 -4.38 -8.87 -7.93
N ILE A 397 -5.06 -8.65 -6.81
CA ILE A 397 -6.25 -9.39 -6.42
C ILE A 397 -7.37 -8.42 -6.19
N ALA A 398 -8.56 -8.80 -6.63
CA ALA A 398 -9.77 -7.97 -6.48
C ALA A 398 -10.96 -8.84 -6.04
N THR A 399 -11.99 -8.19 -5.53
CA THR A 399 -13.24 -8.84 -5.22
C THR A 399 -14.39 -8.14 -5.93
N LEU A 400 -15.25 -8.92 -6.57
CA LEU A 400 -16.34 -8.36 -7.35
C LEU A 400 -17.70 -8.91 -6.91
N ILE A 401 -18.80 -8.40 -7.46
CA ILE A 401 -20.15 -8.73 -6.96
C ILE A 401 -21.17 -8.82 -8.10
N ASN A 409 -23.14 -11.64 -2.93
CA ASN A 409 -22.72 -12.75 -3.79
C ASN A 409 -21.39 -12.51 -4.54
N MET A 410 -20.30 -12.67 -3.82
CA MET A 410 -19.01 -12.16 -4.22
C MET A 410 -18.10 -13.20 -4.86
N ARG A 411 -17.10 -12.71 -5.57
CA ARG A 411 -16.05 -13.57 -6.10
C ARG A 411 -14.71 -12.83 -6.02
N SER A 412 -13.67 -13.52 -5.57
CA SER A 412 -12.35 -12.97 -5.65
C SER A 412 -11.67 -13.44 -6.90
N VAL A 413 -10.95 -12.52 -7.55
CA VAL A 413 -10.22 -12.81 -8.77
C VAL A 413 -8.80 -12.36 -8.59
N ILE A 414 -7.91 -12.84 -9.46
CA ILE A 414 -6.50 -12.50 -9.40
C ILE A 414 -6.09 -12.30 -10.84
N THR A 415 -5.07 -11.48 -11.06
CA THR A 415 -4.49 -11.31 -12.38
C THR A 415 -3.00 -11.47 -12.17
N PHE A 416 -2.34 -11.98 -13.19
CA PHE A 416 -0.91 -12.12 -13.17
C PHE A 416 -0.32 -11.23 -14.25
N ASP A 417 -1.16 -10.49 -14.97
CA ASP A 417 -0.61 -9.64 -16.02
C ASP A 417 -1.20 -8.21 -15.98
N LYS A 418 -1.26 -7.63 -14.77
CA LYS A 418 -1.70 -6.24 -14.59
C LYS A 418 -3.09 -5.99 -15.22
N GLY A 419 -3.98 -6.97 -15.17
CA GLY A 419 -5.35 -6.73 -15.59
C GLY A 419 -5.62 -7.17 -17.05
N GLY A 420 -4.61 -7.66 -17.76
CA GLY A 420 -4.84 -8.26 -19.08
C GLY A 420 -5.90 -9.36 -19.08
N THR A 421 -5.85 -10.25 -18.07
CA THR A 421 -6.87 -11.29 -17.87
C THR A 421 -6.95 -11.54 -16.39
N TRP A 422 -8.12 -11.94 -15.97
CA TRP A 422 -8.38 -12.25 -14.58
C TRP A 422 -8.83 -13.72 -14.47
N GLU A 423 -8.52 -14.35 -13.34
CA GLU A 423 -9.00 -15.71 -13.01
C GLU A 423 -9.59 -15.76 -11.64
N PHE A 424 -10.54 -16.66 -11.46
CA PHE A 424 -11.19 -16.83 -10.15
C PHE A 424 -10.27 -17.57 -9.21
N LEU A 425 -10.27 -17.18 -7.95
CA LEU A 425 -9.43 -17.85 -6.95
C LEU A 425 -10.13 -19.11 -6.51
N GLN A 426 -9.36 -20.15 -6.21
CA GLN A 426 -9.95 -21.42 -5.73
C GLN A 426 -9.20 -21.98 -4.52
N ALA A 427 -9.90 -22.63 -3.59
CA ALA A 427 -9.20 -23.47 -2.59
C ALA A 427 -9.81 -24.86 -2.63
N PRO A 428 -9.17 -25.85 -1.98
CA PRO A 428 -9.79 -27.18 -1.86
C PRO A 428 -10.68 -27.30 -0.63
N GLY A 444 -12.30 -28.41 -5.69
CA GLY A 444 -12.07 -27.01 -5.44
C GLY A 444 -13.38 -26.26 -5.23
N CYS A 445 -13.31 -25.17 -4.49
CA CYS A 445 -14.44 -24.26 -4.31
C CYS A 445 -13.93 -22.85 -4.60
N SER A 446 -14.87 -21.93 -4.81
CA SER A 446 -14.48 -20.54 -4.97
C SER A 446 -13.97 -19.99 -3.64
N LEU A 447 -12.83 -19.32 -3.68
CA LEU A 447 -12.25 -18.74 -2.49
C LEU A 447 -12.57 -17.23 -2.45
N HIS A 448 -13.09 -16.74 -1.33
CA HIS A 448 -13.42 -15.33 -1.19
C HIS A 448 -12.49 -14.70 -0.19
N LEU A 449 -11.70 -13.72 -0.62
CA LEU A 449 -10.77 -13.08 0.29
C LEU A 449 -11.30 -11.74 0.83
N ALA A 450 -11.53 -11.72 2.14
CA ALA A 450 -11.67 -10.45 2.88
C ALA A 450 -10.28 -9.79 2.79
N GLN A 451 -10.23 -8.58 2.24
CA GLN A 451 -8.96 -7.86 2.12
C GLN A 451 -8.67 -6.98 3.32
N MET A 464 -8.81 -7.98 8.29
CA MET A 464 -7.44 -8.51 8.29
C MET A 464 -6.83 -8.54 6.90
N PRO A 465 -5.66 -7.91 6.73
CA PRO A 465 -5.18 -7.72 5.36
C PRO A 465 -4.43 -8.92 4.77
N ILE A 466 -4.26 -8.86 3.46
CA ILE A 466 -3.42 -9.76 2.69
C ILE A 466 -1.96 -9.42 2.95
N LEU A 467 -1.19 -10.38 3.45
CA LEU A 467 0.19 -10.18 3.74
C LEU A 467 1.11 -10.72 2.63
N SER A 468 1.92 -9.86 2.03
CA SER A 468 2.94 -10.30 1.09
C SER A 468 4.08 -9.29 1.09
N LYS A 469 5.28 -9.73 0.75
CA LYS A 469 6.50 -8.91 0.86
C LYS A 469 7.55 -9.35 -0.13
N GLU A 470 8.31 -8.37 -0.60
CA GLU A 470 9.50 -8.57 -1.42
C GLU A 470 10.51 -9.53 -0.78
N SER A 471 10.56 -9.54 0.55
CA SER A 471 11.50 -10.44 1.23
C SER A 471 11.07 -11.92 1.20
N ALA A 472 9.86 -12.24 0.74
CA ALA A 472 9.46 -13.65 0.61
C ALA A 472 8.68 -13.87 -0.69
N PRO A 473 9.38 -13.76 -1.83
CA PRO A 473 8.63 -13.74 -3.13
C PRO A 473 7.75 -14.97 -3.32
N GLY A 474 6.50 -14.72 -3.70
CA GLY A 474 5.53 -15.77 -3.95
C GLY A 474 4.68 -16.24 -2.77
N LEU A 475 5.04 -15.82 -1.55
CA LEU A 475 4.30 -16.16 -0.34
C LEU A 475 3.20 -15.12 -0.03
N ILE A 476 1.97 -15.59 0.12
CA ILE A 476 0.88 -14.73 0.46
C ILE A 476 0.05 -15.42 1.54
N ILE A 477 -0.30 -14.66 2.59
CA ILE A 477 -1.24 -15.09 3.58
C ILE A 477 -2.42 -14.15 3.55
N ALA A 478 -3.60 -14.72 3.61
CA ALA A 478 -4.82 -13.97 3.54
C ALA A 478 -5.92 -14.61 4.39
N THR A 479 -6.94 -13.81 4.67
CA THR A 479 -8.09 -14.23 5.40
C THR A 479 -9.27 -14.32 4.45
N GLY A 480 -10.06 -15.38 4.57
CA GLY A 480 -11.28 -15.53 3.77
C GLY A 480 -12.12 -16.74 4.06
N SER A 481 -12.93 -17.16 3.08
CA SER A 481 -13.79 -18.33 3.24
C SER A 481 -14.17 -18.94 1.90
N VAL A 482 -14.77 -20.12 1.97
CA VAL A 482 -15.08 -20.95 0.79
C VAL A 482 -16.56 -21.30 0.76
N GLY A 483 -17.17 -21.34 -0.43
CA GLY A 483 -18.60 -21.59 -0.59
C GLY A 483 -19.45 -20.55 0.12
N LYS A 484 -20.04 -20.94 1.25
CA LYS A 484 -20.84 -20.04 2.10
C LYS A 484 -20.84 -20.49 3.56
N LYS A 489 -17.78 -17.51 9.01
CA LYS A 489 -16.69 -18.45 9.28
C LYS A 489 -15.43 -18.11 8.46
N THR A 490 -14.50 -17.37 9.05
CA THR A 490 -13.30 -16.97 8.33
C THR A 490 -12.11 -17.83 8.71
N ASN A 491 -11.27 -18.16 7.73
CA ASN A 491 -10.04 -18.92 7.96
C ASN A 491 -8.84 -18.18 7.38
N VAL A 492 -7.66 -18.70 7.69
CA VAL A 492 -6.41 -18.24 7.13
C VAL A 492 -6.01 -19.14 5.98
N TYR A 493 -5.75 -18.51 4.81
CA TYR A 493 -5.35 -19.20 3.60
C TYR A 493 -3.96 -18.78 3.22
N ILE A 494 -3.20 -19.73 2.66
CA ILE A 494 -1.81 -19.45 2.29
C ILE A 494 -1.58 -19.93 0.87
N SER A 495 -0.80 -19.12 0.12
CA SER A 495 -0.30 -19.50 -1.18
C SER A 495 1.19 -19.35 -1.12
N SER A 496 1.90 -20.30 -1.73
CA SER A 496 3.32 -20.08 -1.90
C SER A 496 3.60 -20.05 -3.38
N SER A 497 2.54 -19.92 -4.18
CA SER A 497 2.65 -19.89 -5.65
C SER A 497 2.15 -18.52 -6.17
N ALA A 498 2.37 -17.45 -5.38
CA ALA A 498 2.02 -16.08 -5.84
C ALA A 498 0.57 -15.95 -6.13
N GLY A 499 -0.25 -16.73 -5.43
CA GLY A 499 -1.72 -16.68 -5.54
C GLY A 499 -2.31 -17.63 -6.57
N ALA A 500 -1.47 -18.38 -7.28
CA ALA A 500 -2.00 -19.35 -8.26
C ALA A 500 -2.82 -20.48 -7.58
N ARG A 501 -2.29 -21.02 -6.47
CA ARG A 501 -2.98 -22.04 -5.67
C ARG A 501 -2.94 -21.64 -4.21
N TRP A 502 -3.97 -22.07 -3.50
CA TRP A 502 -4.17 -21.72 -2.13
C TRP A 502 -4.48 -22.97 -1.32
N ARG A 503 -4.08 -22.98 -0.06
CA ARG A 503 -4.55 -23.97 0.89
C ARG A 503 -5.08 -23.28 2.15
N GLU A 504 -6.00 -23.95 2.84
CA GLU A 504 -6.39 -23.48 4.16
C GLU A 504 -5.32 -23.84 5.16
N ALA A 505 -4.74 -22.85 5.83
CA ALA A 505 -3.64 -23.12 6.73
C ALA A 505 -4.09 -23.28 8.18
N LEU A 506 -5.08 -22.50 8.60
CA LEU A 506 -5.60 -22.52 9.96
C LEU A 506 -7.05 -22.10 9.94
N PRO A 507 -7.91 -22.79 10.69
CA PRO A 507 -9.32 -22.39 10.73
C PRO A 507 -9.55 -21.28 11.78
N GLY A 508 -10.52 -20.39 11.53
CA GLY A 508 -10.80 -19.30 12.46
C GLY A 508 -9.94 -18.06 12.17
N PRO A 509 -10.43 -16.88 12.57
CA PRO A 509 -9.63 -15.65 12.33
C PRO A 509 -8.37 -15.58 13.19
N HIS A 510 -7.28 -15.03 12.64
CA HIS A 510 -5.98 -15.00 13.29
C HIS A 510 -5.19 -13.74 12.90
N TYR A 511 -4.31 -13.30 13.80
CA TYR A 511 -3.22 -12.43 13.42
C TYR A 511 -2.18 -13.36 12.86
N TYR A 512 -1.40 -12.86 11.90
CA TYR A 512 -0.34 -13.63 11.31
C TYR A 512 0.78 -12.71 10.93
N THR A 513 2.00 -13.21 11.06
CA THR A 513 3.18 -12.45 10.60
C THR A 513 4.25 -13.50 10.34
N TRP A 514 5.38 -13.10 9.78
CA TRP A 514 6.44 -14.03 9.53
C TRP A 514 7.81 -13.44 9.66
N GLY A 515 8.81 -14.32 9.63
CA GLY A 515 10.23 -13.94 9.81
C GLY A 515 11.08 -14.73 8.85
N ASP A 516 12.36 -14.36 8.77
CA ASP A 516 13.37 -15.05 7.94
C ASP A 516 12.88 -15.46 6.55
N HIS A 517 12.48 -14.46 5.76
CA HIS A 517 12.09 -14.67 4.37
C HIS A 517 10.96 -15.62 4.26
N GLY A 518 10.04 -15.62 5.22
CA GLY A 518 8.89 -16.50 5.12
C GLY A 518 9.13 -17.90 5.70
N GLY A 519 10.32 -18.14 6.24
CA GLY A 519 10.76 -19.46 6.70
C GLY A 519 10.11 -19.88 8.00
N ILE A 520 9.71 -18.89 8.79
CA ILE A 520 8.90 -19.11 9.98
C ILE A 520 7.70 -18.16 10.02
N ILE A 521 6.52 -18.74 10.10
CA ILE A 521 5.27 -18.02 10.12
C ILE A 521 4.65 -18.21 11.50
N THR A 522 4.11 -17.11 12.08
CA THR A 522 3.42 -17.20 13.37
C THR A 522 1.98 -16.68 13.26
N ALA A 523 1.10 -17.22 14.11
CA ALA A 523 -0.31 -16.91 14.07
C ALA A 523 -0.89 -17.02 15.47
N ILE A 524 -1.84 -16.14 15.80
CA ILE A 524 -2.52 -16.11 17.09
C ILE A 524 -4.00 -15.88 16.83
N ALA A 525 -4.87 -16.67 17.48
CA ALA A 525 -6.33 -16.52 17.31
C ALA A 525 -6.76 -15.09 17.69
N GLN A 526 -7.66 -14.49 16.93
CA GLN A 526 -8.18 -13.19 17.34
C GLN A 526 -9.68 -13.24 17.61
N GLY A 527 -10.15 -12.34 18.48
CA GLY A 527 -11.57 -12.31 18.90
C GLY A 527 -11.95 -13.26 20.04
N MET A 528 -10.96 -13.86 20.69
CA MET A 528 -11.14 -14.67 21.92
C MET A 528 -9.82 -14.61 22.68
N GLU A 529 -9.85 -14.96 23.96
CA GLU A 529 -8.63 -14.99 24.75
C GLU A 529 -7.84 -16.22 24.38
N THR A 530 -6.51 -16.14 24.44
CA THR A 530 -5.65 -17.25 24.11
C THR A 530 -4.32 -17.06 24.78
N ASN A 531 -3.60 -18.14 24.98
CA ASN A 531 -2.21 -18.03 25.44
C ASN A 531 -1.30 -18.81 24.49
N GLU A 532 -1.83 -19.07 23.28
CA GLU A 532 -1.20 -19.95 22.28
C GLU A 532 -0.70 -19.19 21.06
N LEU A 533 0.55 -19.43 20.72
CA LEU A 533 1.12 -18.96 19.50
C LEU A 533 1.28 -20.19 18.58
N LYS A 534 0.65 -20.17 17.42
CA LYS A 534 0.94 -21.18 16.40
C LYS A 534 2.16 -20.76 15.58
N TYR A 535 3.05 -21.71 15.30
CA TYR A 535 4.15 -21.44 14.40
C TYR A 535 4.39 -22.56 13.40
N SER A 536 4.82 -22.20 12.19
CA SER A 536 5.09 -23.16 11.12
C SER A 536 6.38 -22.79 10.44
N THR A 537 7.24 -23.79 10.20
CA THR A 537 8.48 -23.59 9.45
C THR A 537 8.40 -24.08 8.02
N ASN A 538 7.17 -24.44 7.60
CA ASN A 538 6.95 -25.04 6.27
C ASN A 538 5.73 -24.43 5.55
N GLU A 539 5.63 -23.10 5.62
CA GLU A 539 4.60 -22.36 4.87
C GLU A 539 3.23 -22.79 5.28
N GLY A 540 3.06 -23.17 6.55
CA GLY A 540 1.75 -23.51 7.05
C GLY A 540 1.21 -24.88 6.70
N GLU A 541 2.07 -25.80 6.22
CA GLU A 541 1.62 -27.19 6.02
C GLU A 541 1.46 -27.85 7.38
N THR A 542 2.39 -27.63 8.32
CA THR A 542 2.10 -28.03 9.70
C THR A 542 2.40 -26.88 10.62
N TRP A 543 1.83 -26.96 11.81
CA TRP A 543 1.90 -25.94 12.85
C TRP A 543 2.19 -26.61 14.18
N LYS A 544 3.05 -25.98 14.97
CA LYS A 544 3.20 -26.33 16.37
C LYS A 544 2.65 -25.22 17.24
N THR A 545 2.45 -25.53 18.51
CA THR A 545 1.88 -24.61 19.48
C THR A 545 2.92 -24.30 20.54
N PHE A 546 3.03 -23.03 20.88
CA PHE A 546 3.91 -22.59 21.94
C PHE A 546 3.04 -21.78 22.89
N ILE A 547 3.04 -22.14 24.17
CA ILE A 547 2.27 -21.42 25.18
C ILE A 547 3.10 -20.19 25.56
N PHE A 548 2.64 -19.00 25.19
CA PHE A 548 3.46 -17.79 25.39
C PHE A 548 3.27 -17.12 26.74
N SER A 549 2.24 -17.53 27.48
CA SER A 549 2.08 -17.12 28.88
C SER A 549 1.13 -18.05 29.63
N GLU A 550 1.22 -18.04 30.95
CA GLU A 550 0.36 -18.87 31.79
C GLU A 550 -1.12 -18.51 31.64
N LYS A 551 -1.44 -17.22 31.74
CA LYS A 551 -2.83 -16.76 31.63
C LYS A 551 -3.20 -16.27 30.22
N PRO A 552 -4.44 -16.57 29.77
CA PRO A 552 -4.90 -16.09 28.46
C PRO A 552 -4.97 -14.55 28.35
N VAL A 553 -4.82 -14.03 27.14
CA VAL A 553 -4.99 -12.61 26.88
C VAL A 553 -5.78 -12.38 25.60
N PHE A 554 -6.49 -11.27 25.50
CA PHE A 554 -7.01 -10.81 24.22
C PHE A 554 -5.81 -10.16 23.53
N VAL A 555 -5.44 -10.69 22.38
CA VAL A 555 -4.27 -10.15 21.69
C VAL A 555 -4.72 -9.07 20.74
N TYR A 556 -3.98 -7.97 20.70
CA TYR A 556 -4.32 -6.86 19.84
C TYR A 556 -3.30 -6.60 18.76
N GLY A 557 -2.11 -7.15 18.91
CA GLY A 557 -1.08 -6.99 17.90
C GLY A 557 -0.11 -8.15 17.87
N LEU A 558 0.40 -8.44 16.69
CA LEU A 558 1.45 -9.44 16.51
C LEU A 558 2.35 -8.89 15.42
N LEU A 559 3.63 -8.68 15.75
CA LEU A 559 4.57 -8.03 14.86
C LEU A 559 5.87 -8.84 14.80
N THR A 560 6.61 -8.67 13.72
CA THR A 560 7.97 -9.18 13.64
C THR A 560 8.97 -8.05 13.87
N GLU A 561 9.97 -8.28 14.71
CA GLU A 561 11.09 -7.37 14.75
C GLU A 561 11.55 -7.04 13.33
N PRO A 562 11.81 -5.76 13.01
CA PRO A 562 12.20 -5.45 11.61
C PRO A 562 13.51 -6.11 11.27
N GLY A 563 13.68 -6.33 9.96
CA GLY A 563 14.85 -7.02 9.44
C GLY A 563 14.31 -8.26 8.71
N GLU A 564 14.79 -8.48 7.50
CA GLU A 564 14.35 -9.60 6.67
C GLU A 564 14.67 -11.01 7.24
N LYS A 565 15.70 -11.08 8.08
CA LYS A 565 16.15 -12.31 8.69
C LYS A 565 15.66 -12.52 10.10
N SER A 566 14.88 -11.60 10.63
CA SER A 566 14.45 -11.64 12.03
C SER A 566 13.56 -12.81 12.31
N THR A 567 13.71 -13.30 13.52
CA THR A 567 12.93 -14.40 14.00
C THR A 567 12.51 -14.07 15.42
N VAL A 568 12.27 -12.78 15.70
CA VAL A 568 11.73 -12.32 17.00
C VAL A 568 10.36 -11.72 16.76
N PHE A 569 9.39 -12.11 17.58
CA PHE A 569 8.02 -11.63 17.41
C PHE A 569 7.54 -10.90 18.65
N THR A 570 6.78 -9.82 18.41
CA THR A 570 6.20 -9.03 19.49
C THR A 570 4.71 -9.34 19.55
N ILE A 571 4.20 -9.57 20.75
CA ILE A 571 2.78 -9.83 20.96
C ILE A 571 2.31 -8.80 21.99
N PHE A 572 1.24 -8.08 21.69
CA PHE A 572 0.68 -7.25 22.75
C PHE A 572 -0.83 -7.39 22.89
N GLY A 573 -1.30 -7.27 24.13
CA GLY A 573 -2.73 -7.30 24.41
C GLY A 573 -3.04 -7.08 25.88
N SER A 574 -4.28 -7.43 26.26
CA SER A 574 -4.67 -7.43 27.69
C SER A 574 -5.77 -8.45 27.91
N ASN A 575 -6.24 -8.55 29.15
CA ASN A 575 -7.38 -9.40 29.49
C ASN A 575 -8.66 -8.60 29.79
N HIS A 580 -8.63 -3.54 32.25
CA HIS A 580 -7.75 -3.20 31.14
C HIS A 580 -6.34 -2.92 31.64
N SER A 581 -5.38 -3.66 31.10
CA SER A 581 -3.99 -3.54 31.49
C SER A 581 -3.14 -4.16 30.38
N TRP A 582 -2.27 -3.37 29.76
CA TRP A 582 -1.51 -3.83 28.60
C TRP A 582 -0.32 -4.70 28.92
N LEU A 583 -0.15 -5.75 28.11
CA LEU A 583 0.93 -6.69 28.25
C LEU A 583 1.71 -6.70 26.93
N ILE A 584 3.04 -6.69 27.00
CA ILE A 584 3.86 -6.79 25.80
C ILE A 584 4.93 -7.84 25.97
N LEU A 585 4.91 -8.83 25.06
CA LEU A 585 5.84 -9.95 25.09
C LEU A 585 6.73 -9.98 23.87
N GLN A 586 7.97 -10.44 24.06
CA GLN A 586 8.90 -10.73 23.01
C GLN A 586 9.25 -12.23 22.97
N VAL A 587 9.07 -12.84 21.79
CA VAL A 587 9.28 -14.25 21.57
C VAL A 587 10.41 -14.41 20.58
N ASN A 588 11.50 -15.01 21.02
CA ASN A 588 12.62 -15.35 20.16
C ASN A 588 12.46 -16.79 19.63
N ALA A 589 12.27 -16.94 18.32
CA ALA A 589 12.01 -18.25 17.69
C ALA A 589 13.16 -18.72 16.84
N THR A 590 14.29 -18.02 16.94
CA THR A 590 15.50 -18.34 16.15
C THR A 590 15.87 -19.84 16.14
N ASP A 591 15.92 -20.48 17.31
CA ASP A 591 16.31 -21.87 17.42
C ASP A 591 15.30 -22.83 16.76
N ALA A 592 14.06 -22.42 16.55
CA ALA A 592 13.13 -23.29 15.85
C ALA A 592 13.56 -23.55 14.41
N LEU A 593 14.42 -22.71 13.88
CA LEU A 593 14.95 -22.93 12.52
C LEU A 593 16.29 -23.70 12.51
N GLY A 594 16.96 -23.83 13.65
CA GLY A 594 18.23 -24.57 13.70
C GLY A 594 19.43 -24.06 12.89
N VAL A 595 20.11 -24.95 12.16
CA VAL A 595 21.39 -24.62 11.56
C VAL A 595 21.16 -23.92 10.22
N PRO A 596 22.21 -23.31 9.66
CA PRO A 596 22.04 -22.59 8.40
C PRO A 596 21.66 -23.49 7.23
N CYS A 597 20.83 -22.98 6.32
CA CYS A 597 20.49 -23.68 5.10
C CYS A 597 21.73 -23.86 4.22
N THR A 598 21.80 -24.96 3.46
CA THR A 598 22.91 -25.24 2.51
C THR A 598 22.24 -25.36 1.15
N GLU A 599 23.02 -25.55 0.08
CA GLU A 599 22.49 -25.69 -1.28
C GLU A 599 21.35 -26.69 -1.41
N ASN A 600 21.46 -27.79 -0.69
CA ASN A 600 20.40 -28.81 -0.67
C ASN A 600 19.00 -28.26 -0.34
N ASP A 601 18.96 -27.14 0.37
CA ASP A 601 17.71 -26.59 0.91
C ASP A 601 17.11 -25.52 0.01
N TYR A 602 17.69 -25.31 -1.16
CA TYR A 602 17.15 -24.31 -2.08
C TYR A 602 16.79 -24.92 -3.42
N LYS A 603 15.72 -24.40 -3.99
CA LYS A 603 15.18 -24.86 -5.22
C LYS A 603 14.89 -23.59 -6.10
N LEU A 604 14.93 -23.76 -7.42
CA LEU A 604 14.53 -22.71 -8.36
C LEU A 604 13.03 -22.68 -8.48
N TRP A 605 12.47 -21.48 -8.60
CA TRP A 605 11.01 -21.29 -8.69
C TRP A 605 10.69 -20.10 -9.60
N SER A 606 9.70 -20.29 -10.45
CA SER A 606 9.17 -19.26 -11.32
C SER A 606 7.69 -19.06 -11.02
N PRO A 607 7.27 -17.80 -10.80
CA PRO A 607 5.84 -17.56 -10.66
C PRO A 607 5.08 -17.96 -11.92
N SER A 608 3.87 -18.47 -11.75
CA SER A 608 3.05 -18.79 -12.91
C SER A 608 1.57 -18.47 -12.66
N ASP A 609 0.77 -18.44 -13.71
CA ASP A 609 -0.66 -18.28 -13.50
C ASP A 609 -1.26 -19.64 -13.13
N GLU A 610 -2.59 -19.71 -13.05
CA GLU A 610 -3.26 -20.94 -12.66
C GLU A 610 -3.13 -22.07 -13.69
N ARG A 611 -2.89 -21.70 -14.94
CA ARG A 611 -2.72 -22.66 -16.01
C ARG A 611 -1.32 -23.23 -16.08
N GLY A 612 -0.35 -22.63 -15.40
CA GLY A 612 0.99 -23.16 -15.42
C GLY A 612 2.03 -22.39 -16.24
N ASN A 613 1.61 -21.30 -16.92
CA ASN A 613 2.55 -20.37 -17.58
C ASN A 613 3.65 -19.77 -16.68
N GLU A 614 4.91 -20.15 -16.85
CA GLU A 614 5.90 -19.51 -15.98
C GLU A 614 6.44 -18.42 -16.78
N CYS A 615 5.58 -17.87 -17.60
CA CYS A 615 6.01 -16.85 -18.49
C CYS A 615 5.18 -15.60 -18.24
N LEU A 616 5.56 -14.81 -17.26
CA LEU A 616 4.69 -13.71 -16.92
C LEU A 616 5.19 -12.36 -17.37
N LEU A 617 4.30 -11.60 -18.01
CA LEU A 617 4.69 -10.33 -18.61
C LEU A 617 5.78 -10.53 -19.66
N GLY A 618 5.73 -11.68 -20.35
CA GLY A 618 6.60 -11.97 -21.50
C GLY A 618 8.02 -12.41 -21.16
N HIS A 619 8.27 -12.74 -19.89
CA HIS A 619 9.56 -13.29 -19.49
C HIS A 619 9.42 -14.30 -18.37
N LYS A 620 10.45 -15.15 -18.24
CA LYS A 620 10.45 -16.14 -17.21
C LYS A 620 11.35 -15.61 -16.15
N THR A 621 10.81 -15.51 -14.94
CA THR A 621 11.57 -15.01 -13.80
C THR A 621 11.89 -16.18 -12.90
N VAL A 622 13.12 -16.22 -12.41
CA VAL A 622 13.58 -17.35 -11.62
C VAL A 622 14.10 -16.87 -10.29
N PHE A 623 13.46 -17.36 -9.23
CA PHE A 623 13.96 -17.15 -7.89
C PHE A 623 14.55 -18.44 -7.34
N LYS A 624 15.54 -18.25 -6.47
CA LYS A 624 16.12 -19.28 -5.69
C LYS A 624 15.47 -19.11 -4.35
N ARG A 625 14.72 -20.12 -3.90
CA ARG A 625 14.16 -20.08 -2.58
C ARG A 625 14.22 -21.41 -1.80
N ARG A 626 14.07 -21.27 -0.50
CA ARG A 626 14.11 -22.32 0.46
C ARG A 626 12.93 -23.26 0.22
N THR A 627 13.19 -24.57 0.25
CA THR A 627 12.12 -25.56 -0.05
C THR A 627 11.13 -25.52 1.09
N PRO A 628 9.88 -25.91 0.81
CA PRO A 628 8.88 -25.96 1.88
C PRO A 628 9.26 -26.77 3.16
N HIS A 629 9.92 -27.92 3.03
CA HIS A 629 10.11 -28.81 4.20
C HIS A 629 11.44 -28.66 4.91
N ALA A 630 12.35 -27.91 4.32
CA ALA A 630 13.64 -27.66 4.95
C ALA A 630 13.49 -26.88 6.26
N THR A 631 14.03 -27.44 7.35
CA THR A 631 14.06 -26.73 8.64
C THR A 631 15.47 -26.25 8.82
N CYS A 632 15.71 -25.00 8.43
CA CYS A 632 17.05 -24.44 8.55
C CYS A 632 16.95 -22.93 8.48
N PHE A 633 17.94 -22.27 9.06
CA PHE A 633 18.03 -20.85 9.01
C PHE A 633 18.52 -20.32 7.66
N ASN A 634 17.67 -19.55 7.01
CA ASN A 634 17.99 -18.99 5.70
C ASN A 634 18.64 -17.62 5.88
N GLY A 635 19.96 -17.57 5.70
CA GLY A 635 20.74 -16.38 5.92
C GLY A 635 21.09 -15.68 4.62
N GLU A 636 20.41 -16.04 3.53
CA GLU A 636 20.70 -15.54 2.21
C GLU A 636 19.67 -14.51 1.82
N ASP A 637 20.08 -13.55 0.98
CA ASP A 637 19.16 -12.63 0.35
C ASP A 637 18.91 -12.99 -1.11
N PHE A 638 17.80 -13.66 -1.37
CA PHE A 638 17.46 -14.09 -2.70
C PHE A 638 16.19 -13.38 -3.15
N ASP A 639 15.98 -12.16 -2.63
CA ASP A 639 14.75 -11.40 -2.95
C ASP A 639 14.68 -11.08 -4.45
N ARG A 640 15.85 -10.89 -5.07
CA ARG A 640 15.91 -10.47 -6.46
C ARG A 640 16.13 -11.67 -7.39
N PRO A 641 15.32 -11.78 -8.44
CA PRO A 641 15.33 -12.92 -9.35
C PRO A 641 16.73 -13.25 -9.87
N VAL A 642 17.12 -14.53 -9.76
CA VAL A 642 18.44 -14.99 -10.27
C VAL A 642 18.51 -15.01 -11.81
N VAL A 643 17.47 -15.49 -12.47
CA VAL A 643 17.40 -15.51 -13.94
C VAL A 643 16.13 -14.79 -14.40
N VAL A 644 16.25 -14.10 -15.54
CA VAL A 644 15.13 -13.58 -16.28
C VAL A 644 15.36 -13.92 -17.75
N SER A 645 14.35 -14.43 -18.45
CA SER A 645 14.47 -14.68 -19.91
C SER A 645 13.17 -14.52 -20.74
N ASN A 646 13.30 -14.01 -21.96
CA ASN A 646 12.11 -13.67 -22.77
C ASN A 646 11.39 -14.84 -23.39
N CYS A 647 10.10 -14.68 -23.63
CA CYS A 647 9.26 -15.78 -24.10
C CYS A 647 8.52 -15.34 -25.33
N SER A 648 7.99 -16.31 -26.06
CA SER A 648 7.16 -16.02 -27.20
C SER A 648 5.84 -15.54 -26.62
N CYS A 649 5.16 -14.68 -27.34
CA CYS A 649 3.95 -14.05 -26.89
C CYS A 649 2.80 -15.05 -26.75
N THR A 650 1.98 -14.89 -25.73
CA THR A 650 0.74 -15.62 -25.58
C THR A 650 -0.36 -14.58 -25.32
N ARG A 651 -1.59 -15.04 -25.23
CA ARG A 651 -2.74 -14.20 -24.97
C ARG A 651 -2.52 -13.34 -23.68
N GLU A 652 -1.72 -13.90 -22.77
CA GLU A 652 -1.49 -13.42 -21.44
C GLU A 652 -0.67 -12.12 -21.44
N ASP A 653 0.08 -11.90 -22.52
CA ASP A 653 0.84 -10.70 -22.75
C ASP A 653 0.04 -9.52 -23.30
N TYR A 654 -1.26 -9.69 -23.47
CA TYR A 654 -2.13 -8.70 -24.12
C TYR A 654 -3.29 -8.35 -23.19
N GLU A 655 -3.80 -7.12 -23.38
CA GLU A 655 -4.93 -6.61 -22.66
C GLU A 655 -5.88 -6.00 -23.68
N CYS A 656 -7.07 -5.62 -23.23
CA CYS A 656 -8.02 -4.92 -24.09
C CYS A 656 -7.50 -3.53 -24.53
N ASP A 657 -7.79 -3.19 -25.77
CA ASP A 657 -7.31 -1.98 -26.35
C ASP A 657 -8.30 -0.86 -26.00
N PHE A 658 -7.84 0.38 -26.16
CA PHE A 658 -8.71 1.54 -26.02
C PHE A 658 -9.96 1.28 -26.85
N GLY A 659 -11.15 1.47 -26.31
CA GLY A 659 -12.36 1.19 -27.08
C GLY A 659 -12.97 -0.19 -26.82
N PHE A 660 -12.25 -1.03 -26.08
CA PHE A 660 -12.71 -2.39 -25.86
C PHE A 660 -12.78 -2.69 -24.37
N LYS A 661 -13.52 -3.74 -24.02
CA LYS A 661 -13.63 -4.22 -22.66
C LYS A 661 -13.49 -5.75 -22.58
N MET A 662 -13.11 -6.22 -21.40
CA MET A 662 -12.98 -7.63 -21.09
C MET A 662 -14.37 -8.24 -21.23
N SER A 663 -14.45 -9.43 -21.84
CA SER A 663 -15.76 -10.14 -21.90
C SER A 663 -16.34 -10.29 -20.48
N GLU A 664 -17.64 -10.15 -20.36
CA GLU A 664 -18.35 -10.26 -19.11
C GLU A 664 -18.04 -11.59 -18.41
N ASP A 665 -17.99 -12.67 -19.16
CA ASP A 665 -17.52 -13.95 -18.67
C ASP A 665 -16.01 -13.93 -18.80
N LEU A 666 -15.36 -13.71 -17.66
CA LEU A 666 -13.91 -13.52 -17.57
C LEU A 666 -13.10 -14.66 -18.15
N SER A 667 -13.62 -15.85 -17.99
CA SER A 667 -12.89 -17.04 -18.46
C SER A 667 -12.81 -17.10 -20.01
N LEU A 668 -13.73 -16.47 -20.72
CA LEU A 668 -13.55 -16.34 -22.20
C LEU A 668 -12.27 -15.58 -22.59
N GLU A 669 -11.83 -14.67 -21.72
CA GLU A 669 -10.63 -13.84 -22.00
C GLU A 669 -10.69 -13.16 -23.35
N VAL A 670 -11.87 -12.70 -23.75
CA VAL A 670 -11.97 -12.03 -25.04
C VAL A 670 -12.29 -10.52 -24.84
N CYS A 671 -11.66 -9.67 -25.65
CA CYS A 671 -11.93 -8.24 -25.60
C CYS A 671 -12.96 -7.88 -26.65
N VAL A 672 -14.02 -7.21 -26.24
CA VAL A 672 -15.10 -6.92 -27.13
C VAL A 672 -15.33 -5.41 -27.12
N PRO A 673 -16.04 -4.91 -28.15
CA PRO A 673 -16.24 -3.45 -28.21
C PRO A 673 -17.05 -2.97 -27.02
N ASP A 674 -16.61 -1.87 -26.45
CA ASP A 674 -17.23 -1.30 -25.27
C ASP A 674 -18.40 -0.46 -25.75
N PRO A 675 -19.61 -0.76 -25.29
CA PRO A 675 -20.78 0.03 -25.76
C PRO A 675 -20.68 1.54 -25.47
N GLU A 676 -19.96 1.93 -24.43
CA GLU A 676 -19.72 3.34 -24.13
C GLU A 676 -19.17 4.11 -25.33
N PHE A 677 -18.63 3.37 -26.30
CA PHE A 677 -18.08 3.97 -27.52
C PHE A 677 -19.13 4.15 -28.61
N SER A 678 -20.38 3.79 -28.33
CA SER A 678 -21.52 4.10 -29.24
C SER A 678 -21.30 3.60 -30.68
N GLY A 679 -20.70 2.40 -30.82
CA GLY A 679 -20.42 1.80 -32.13
C GLY A 679 -19.20 2.33 -32.89
N LYS A 680 -18.43 3.22 -32.26
CA LYS A 680 -17.28 3.83 -32.95
C LYS A 680 -15.90 3.38 -32.41
N SER A 681 -15.85 2.16 -31.87
CA SER A 681 -14.58 1.54 -31.35
C SER A 681 -13.45 1.33 -32.37
N TYR A 682 -13.81 1.24 -33.65
CA TYR A 682 -12.86 0.87 -34.71
C TYR A 682 -12.62 1.92 -35.79
N SER A 683 -13.15 3.14 -35.63
CA SER A 683 -13.02 4.22 -36.65
C SER A 683 -11.56 4.55 -37.00
N PRO A 684 -11.28 4.86 -38.30
CA PRO A 684 -9.92 5.24 -38.72
C PRO A 684 -9.41 6.54 -38.09
N VAL A 690 -10.36 4.42 -45.19
CA VAL A 690 -10.29 3.59 -46.39
C VAL A 690 -8.99 3.78 -47.19
N GLY A 691 -7.87 4.07 -46.52
CA GLY A 691 -6.64 4.40 -47.25
C GLY A 691 -5.29 4.33 -46.58
N SER A 692 -4.29 4.08 -47.42
CA SER A 692 -2.90 3.89 -47.04
C SER A 692 -2.86 2.56 -46.31
N THR A 693 -1.79 2.27 -45.60
CA THR A 693 -1.91 1.09 -44.77
C THR A 693 -1.88 1.49 -43.32
N TYR A 694 -3.01 1.98 -42.82
CA TYR A 694 -3.16 2.22 -41.40
C TYR A 694 -3.29 0.89 -40.63
N ARG A 695 -3.09 0.96 -39.32
CA ARG A 695 -3.14 -0.24 -38.47
C ARG A 695 -4.46 -0.24 -37.71
N ARG A 696 -5.32 -1.21 -38.03
CA ARG A 696 -6.65 -1.32 -37.41
C ARG A 696 -6.54 -2.33 -36.28
N THR A 697 -6.97 -1.93 -35.09
CA THR A 697 -6.84 -2.79 -33.94
C THR A 697 -7.83 -3.97 -34.01
N ARG A 698 -7.39 -5.13 -33.49
CA ARG A 698 -8.33 -6.28 -33.36
C ARG A 698 -9.01 -6.29 -32.00
N GLY A 699 -8.62 -5.35 -31.12
CA GLY A 699 -9.21 -5.21 -29.77
C GLY A 699 -8.16 -5.40 -28.68
N TYR A 700 -6.88 -5.53 -29.03
CA TYR A 700 -5.86 -5.97 -28.10
C TYR A 700 -4.67 -5.07 -28.17
N ARG A 701 -3.94 -4.93 -27.07
CA ARG A 701 -2.67 -4.24 -27.16
C ARG A 701 -1.75 -4.92 -26.18
N LYS A 702 -0.47 -4.89 -26.50
CA LYS A 702 0.52 -5.48 -25.64
C LYS A 702 0.52 -4.73 -24.30
N ILE A 703 0.66 -5.49 -23.21
CA ILE A 703 0.62 -4.92 -21.89
C ILE A 703 1.88 -4.11 -21.63
N SER A 704 1.74 -2.98 -20.92
CA SER A 704 2.84 -2.06 -20.67
C SER A 704 3.98 -2.80 -19.97
N GLY A 705 5.18 -2.71 -20.53
CA GLY A 705 6.36 -3.37 -19.95
C GLY A 705 6.49 -4.87 -20.23
N ASP A 706 5.53 -5.46 -20.94
CA ASP A 706 5.62 -6.86 -21.36
C ASP A 706 6.75 -7.02 -22.36
N THR A 707 7.65 -7.97 -22.12
CA THR A 707 8.85 -8.13 -22.95
C THR A 707 8.77 -9.34 -23.91
N CYS A 708 7.57 -9.87 -24.15
CA CYS A 708 7.45 -11.03 -25.00
C CYS A 708 7.96 -10.75 -26.43
N SER A 709 8.29 -11.79 -27.17
CA SER A 709 8.80 -11.58 -28.52
C SER A 709 8.62 -12.83 -29.34
N GLY A 710 8.05 -12.66 -30.53
CA GLY A 710 7.95 -13.75 -31.48
C GLY A 710 6.77 -14.68 -31.22
N GLY A 711 6.59 -15.60 -32.18
CA GLY A 711 5.55 -16.63 -32.11
C GLY A 711 4.25 -16.27 -32.80
N ASP A 712 3.39 -17.27 -32.88
CA ASP A 712 2.13 -17.20 -33.61
C ASP A 712 1.19 -16.13 -33.07
N VAL A 713 1.08 -16.06 -31.74
CA VAL A 713 0.05 -15.27 -31.09
C VAL A 713 0.20 -13.77 -31.40
N GLU A 714 1.43 -13.26 -31.34
CA GLU A 714 1.74 -11.87 -31.65
C GLU A 714 1.08 -11.45 -32.95
N ALA A 715 1.14 -12.32 -33.96
CA ALA A 715 0.44 -12.07 -35.23
C ALA A 715 -1.08 -12.29 -35.07
N ARG A 716 -1.85 -11.34 -35.58
CA ARG A 716 -3.30 -11.36 -35.40
C ARG A 716 -3.80 -11.45 -33.93
N LEU A 717 -2.97 -11.03 -32.98
CA LEU A 717 -3.49 -10.28 -31.84
C LEU A 717 -3.13 -8.80 -32.06
N GLU A 718 -1.93 -8.53 -32.59
CA GLU A 718 -1.51 -7.18 -32.95
C GLU A 718 -2.40 -6.63 -34.08
N GLY A 719 -2.37 -5.33 -34.29
CA GLY A 719 -3.31 -4.71 -35.23
C GLY A 719 -3.20 -5.25 -36.65
N GLU A 720 -4.24 -5.01 -37.43
CA GLU A 720 -4.33 -5.48 -38.81
C GLU A 720 -3.89 -4.36 -39.81
N LEU A 721 -3.01 -4.66 -40.77
CA LEU A 721 -2.67 -3.72 -41.87
C LEU A 721 -3.83 -3.57 -42.87
N VAL A 722 -4.44 -2.39 -42.95
CA VAL A 722 -5.66 -2.21 -43.75
C VAL A 722 -5.54 -1.05 -44.77
N PRO A 723 -5.94 -1.27 -46.04
CA PRO A 723 -5.95 -0.16 -47.02
C PRO A 723 -6.90 0.99 -46.65
C1 NAG B . 0.72 25.23 29.58
C2 NAG B . -0.73 25.76 29.63
C3 NAG B . -1.52 25.60 28.32
C4 NAG B . -0.69 25.88 27.06
C5 NAG B . 0.60 25.09 27.18
C6 NAG B . 1.42 25.23 25.90
C7 NAG B . -1.71 25.95 31.88
C8 NAG B . -2.58 25.37 32.96
N2 NAG B . -1.55 25.26 30.73
O3 NAG B . -2.58 26.53 28.35
O4 NAG B . -1.37 25.54 25.88
O5 NAG B . 1.30 25.58 28.31
O6 NAG B . 1.86 26.56 25.76
O7 NAG B . -1.17 27.05 32.09
C1 NAG C . 17.37 -14.49 19.69
C2 NAG C . 18.26 -13.28 19.98
C3 NAG C . 19.54 -13.31 19.13
C4 NAG C . 20.27 -14.63 19.33
C5 NAG C . 19.28 -15.72 18.91
C6 NAG C . 19.93 -17.09 18.99
C7 NAG C . 17.15 -11.24 20.73
C8 NAG C . 16.50 -9.95 20.33
N2 NAG C . 17.59 -12.01 19.72
O3 NAG C . 20.39 -12.21 19.37
O4 NAG C . 21.37 -14.60 18.46
O5 NAG C . 18.11 -15.70 19.73
O6 NAG C . 19.93 -17.48 20.34
O7 NAG C . 17.25 -11.57 21.92
C1 NAG D . 14.09 -9.23 -23.14
C2 NAG D . 15.61 -9.02 -23.06
C3 NAG D . 15.96 -7.57 -22.81
C4 NAG D . 15.18 -6.59 -23.66
C5 NAG D . 13.70 -6.90 -23.59
C6 NAG D . 12.98 -5.94 -24.53
C7 NAG D . 16.83 -10.89 -22.00
C8 NAG D . 17.37 -11.41 -20.70
N2 NAG D . 16.19 -9.74 -21.94
O3 NAG D . 17.33 -7.37 -23.06
O4 NAG D . 15.42 -5.31 -23.14
O5 NAG D . 13.47 -8.25 -23.97
O6 NAG D . 11.64 -6.33 -24.71
O7 NAG D . 16.98 -11.52 -23.04
P PO4 E . -12.81 24.99 -4.54
O1 PO4 E . -12.76 25.47 -3.12
O2 PO4 E . -11.68 25.72 -5.37
O3 PO4 E . -12.65 23.52 -4.45
O4 PO4 E . -14.22 25.09 -5.04
P PO4 F . -0.18 1.17 -4.23
O1 PO4 F . 1.31 0.89 -4.22
O2 PO4 F . -0.91 0.15 -5.09
O3 PO4 F . -0.76 1.06 -2.83
O4 PO4 F . -0.39 2.56 -4.76
P PO4 G . 0.52 5.28 14.63
O1 PO4 G . 0.56 3.75 14.68
O2 PO4 G . 1.12 5.73 13.30
O3 PO4 G . -0.93 5.73 14.75
O4 PO4 G . 1.33 5.89 15.76
P PO4 H . 20.95 13.03 10.53
O1 PO4 H . 19.51 12.95 11.01
O2 PO4 H . 21.40 11.68 9.97
O3 PO4 H . 21.06 14.09 9.45
O4 PO4 H . 21.87 13.40 11.69
C1 EDO I . -15.00 5.79 -8.41
O1 EDO I . -14.29 6.94 -8.91
C2 EDO I . -16.16 6.38 -7.64
O2 EDO I . -17.05 7.04 -8.57
C1 EDO J . 7.00 -25.19 -4.09
O1 EDO J . 8.33 -24.70 -4.08
C2 EDO J . 6.08 -24.26 -3.29
O2 EDO J . 5.10 -23.71 -4.19
C1 EDO K . -13.94 11.22 -1.17
O1 EDO K . -13.11 12.09 -1.97
C2 EDO K . -15.22 10.86 -1.94
O2 EDO K . -15.20 11.50 -3.23
C1 EDO L . -2.40 2.54 -27.58
O1 EDO L . -2.96 2.29 -26.27
C2 EDO L . -3.16 1.79 -28.67
O2 EDO L . -4.54 2.15 -28.60
C1 EDO M . -3.47 -1.09 -4.33
O1 EDO M . -2.79 -1.92 -3.35
C2 EDO M . -4.90 -0.78 -3.81
O2 EDO M . -5.47 0.49 -4.24
C1 EDO N . -11.93 -10.59 -30.49
O1 EDO N . -10.79 -11.42 -30.23
C2 EDO N . -11.70 -9.81 -31.79
O2 EDO N . -10.35 -9.83 -32.31
#